data_5H24
#
_entry.id   5H24
#
_cell.length_a   93.090
_cell.length_b   177.800
_cell.length_c   50.690
_cell.angle_alpha   90.000
_cell.angle_beta   90.000
_cell.angle_gamma   90.000
#
_symmetry.space_group_name_H-M   'P 21 21 2'
#
loop_
_entity.id
_entity.type
_entity.pdbx_description
1 polymer 'Polycomb protein EED'
2 polymer 'Histone-lysine N-methyltransferase EZH2'
3 non-polymer 5-(furan-2-ylmethylamino)-[1,2,4]triazolo[4,3-a]pyridine-6-carbonitrile
4 water water
#
loop_
_entity_poly.entity_id
_entity_poly.type
_entity_poly.pdbx_seq_one_letter_code
_entity_poly.pdbx_strand_id
1 'polypeptide(L)'
;GKKCKYSFKCVNSLKEDHNQPLFGVQFNWHSKEGDPLVFATVGSNRVTLYECHSQGEIRLLQSYVDADADENFYTCAWTY
DSNTSHPLLAVAGSRGIIRIINPITMQCIKHYVGHGNAINELKFHPRDPNLLLSVSKDHALRLWNIQTDTLVAIFGGVEG
HRDEVLSADYDLLGEKIMSCGMDHSLKLWRINSKRMMNAIKESYDYNPNKTNRPFISQKIHFPDFSTRDIHRNYVDCVRW
LGDLILSKSCENAIVCWKPGKMEDDIDKIKPSESNVTILGRFDYSQCDIWYMRFSMDFWQKMLALGNQVGKLYVWDLEVE
DPHKAKCTTLTHHKCGAAIRQTSFSRDSSILIAVCDDASIWRWDRLR
;
A,B
2 'polypeptide(L)' SMFSSNRQKILERTEILNQEWKQRRIQPV C,D
#
loop_
_chem_comp.id
_chem_comp.type
_chem_comp.name
_chem_comp.formula
LQG non-polymer 5-(furan-2-ylmethylamino)-[1,2,4]triazolo[4,3-a]pyridine-6-carbonitrile 'C12 H9 N5 O'
#
# COMPACT_ATOMS: atom_id res chain seq x y z
N LYS A 3 0.28 40.65 2.52
CA LYS A 3 1.26 40.96 3.57
C LYS A 3 1.57 39.75 4.49
N CYS A 4 2.80 39.70 5.10
CA CYS A 4 3.19 38.61 6.00
C CYS A 4 2.63 38.78 7.41
N LYS A 5 2.14 37.66 7.98
CA LYS A 5 1.56 37.59 9.34
C LYS A 5 2.58 37.19 10.42
N TYR A 6 3.39 36.16 10.11
CA TYR A 6 4.40 35.50 10.94
C TYR A 6 5.42 36.42 11.59
N SER A 7 5.46 36.35 12.92
CA SER A 7 6.38 37.04 13.82
C SER A 7 7.00 35.97 14.71
N PHE A 8 8.29 36.10 15.00
CA PHE A 8 9.05 35.17 15.84
C PHE A 8 9.79 35.95 16.93
N LYS A 9 10.30 35.22 17.93
CA LYS A 9 11.01 35.78 19.08
C LYS A 9 12.18 34.84 19.41
N CYS A 10 13.39 35.38 19.53
CA CYS A 10 14.54 34.55 19.84
C CYS A 10 14.47 34.29 21.29
N VAL A 11 14.33 33.01 21.64
CA VAL A 11 14.11 32.56 23.01
C VAL A 11 15.31 31.86 23.63
N ASN A 12 16.28 31.42 22.83
CA ASN A 12 17.46 30.73 23.39
C ASN A 12 18.52 30.49 22.34
N SER A 13 19.73 30.32 22.80
CA SER A 13 20.89 30.07 21.98
C SER A 13 21.88 29.24 22.79
N LEU A 14 22.74 28.51 22.10
CA LEU A 14 23.79 27.74 22.75
C LEU A 14 24.94 27.54 21.76
N LYS A 15 26.13 27.31 22.27
CA LYS A 15 27.33 27.08 21.49
C LYS A 15 27.87 25.71 21.88
N GLU A 16 28.08 24.85 20.88
CA GLU A 16 28.60 23.50 21.07
C GLU A 16 30.10 23.55 21.39
N ASP A 17 30.53 22.60 22.25
CA ASP A 17 31.88 22.44 22.83
C ASP A 17 33.05 22.32 21.83
N HIS A 18 32.81 21.72 20.66
CA HIS A 18 33.85 21.52 19.65
C HIS A 18 34.25 22.82 18.93
N ASN A 19 33.39 23.86 18.99
CA ASN A 19 33.57 25.19 18.39
C ASN A 19 33.71 25.20 16.87
N GLN A 20 33.41 24.07 16.21
CA GLN A 20 33.50 23.91 14.76
C GLN A 20 32.21 24.35 14.10
N PRO A 21 32.25 24.73 12.81
CA PRO A 21 30.99 25.11 12.14
C PRO A 21 29.91 24.02 12.17
N LEU A 22 28.63 24.44 12.32
CA LEU A 22 27.45 23.57 12.23
C LEU A 22 26.90 23.79 10.85
N PHE A 23 26.90 22.74 10.04
CA PHE A 23 26.48 22.78 8.65
C PHE A 23 25.05 22.44 8.42
N GLY A 24 24.50 21.54 9.24
CA GLY A 24 23.13 21.10 9.05
C GLY A 24 22.36 20.98 10.33
N VAL A 25 21.03 21.08 10.21
CA VAL A 25 20.05 20.95 11.29
C VAL A 25 18.77 20.42 10.71
N GLN A 26 18.10 19.50 11.41
CA GLN A 26 16.81 18.99 10.95
C GLN A 26 16.00 18.56 12.14
N PHE A 27 14.77 19.08 12.23
CA PHE A 27 13.78 18.59 13.17
C PHE A 27 13.32 17.22 12.62
N ASN A 28 12.91 16.33 13.50
CA ASN A 28 12.35 15.05 13.11
C ASN A 28 10.86 15.24 12.94
N TRP A 29 10.39 15.20 11.69
CA TRP A 29 8.98 15.38 11.30
C TRP A 29 8.20 14.07 11.33
N HIS A 30 8.86 12.94 11.70
CA HIS A 30 8.19 11.64 11.80
C HIS A 30 7.59 11.42 13.18
N SER A 31 8.06 12.18 14.21
CA SER A 31 7.55 12.08 15.58
C SER A 31 6.04 12.35 15.66
N LYS A 32 5.33 11.55 16.43
CA LYS A 32 3.87 11.65 16.53
C LYS A 32 3.37 12.89 17.33
N GLU A 33 2.23 13.48 16.90
CA GLU A 33 1.61 14.64 17.56
C GLU A 33 1.61 14.44 19.06
N GLY A 34 2.25 15.37 19.76
CA GLY A 34 2.36 15.32 21.22
C GLY A 34 3.77 15.08 21.69
N ASP A 35 4.46 14.11 21.07
CA ASP A 35 5.85 13.72 21.34
C ASP A 35 6.78 14.92 21.47
N PRO A 36 7.88 14.78 22.26
CA PRO A 36 8.82 15.91 22.37
C PRO A 36 9.48 16.25 21.02
N LEU A 37 9.52 17.56 20.67
CA LEU A 37 10.08 18.03 19.39
C LEU A 37 11.60 17.92 19.45
N VAL A 38 12.16 17.02 18.62
CA VAL A 38 13.58 16.72 18.59
C VAL A 38 14.21 17.22 17.28
N PHE A 39 15.50 17.56 17.31
CA PHE A 39 16.24 17.92 16.14
C PHE A 39 17.67 17.49 16.31
N ALA A 40 18.35 17.29 15.20
CA ALA A 40 19.75 16.94 15.17
C ALA A 40 20.49 18.05 14.45
N THR A 41 21.76 18.29 14.86
CA THR A 41 22.68 19.26 14.25
C THR A 41 23.92 18.47 13.86
N VAL A 42 24.55 18.85 12.74
CA VAL A 42 25.78 18.20 12.26
C VAL A 42 26.87 19.20 12.00
N GLY A 43 28.05 18.85 12.43
CA GLY A 43 29.23 19.69 12.31
C GLY A 43 30.44 18.90 12.73
N SER A 44 31.59 19.12 12.06
CA SER A 44 32.82 18.38 12.29
C SER A 44 32.47 16.87 12.15
N ASN A 45 32.92 16.01 13.09
CA ASN A 45 32.61 14.59 13.05
C ASN A 45 31.58 14.30 14.11
N ARG A 46 30.73 15.30 14.35
CA ARG A 46 29.66 15.22 15.36
C ARG A 46 28.25 15.30 14.80
N VAL A 47 27.33 14.62 15.47
CA VAL A 47 25.89 14.57 15.26
C VAL A 47 25.40 14.77 16.67
N THR A 48 24.56 15.77 16.92
CA THR A 48 24.04 15.99 18.28
C THR A 48 22.54 16.15 18.25
N LEU A 49 21.86 15.50 19.21
CA LEU A 49 20.40 15.55 19.38
C LEU A 49 19.99 16.46 20.52
N TYR A 50 18.91 17.21 20.28
CA TYR A 50 18.34 18.15 21.23
C TYR A 50 16.86 18.03 21.25
N GLU A 51 16.27 18.37 22.39
CA GLU A 51 14.83 18.36 22.59
C GLU A 51 14.38 19.80 22.94
N CYS A 52 13.24 20.21 22.42
CA CYS A 52 12.68 21.53 22.67
C CYS A 52 11.61 21.53 23.73
N HIS A 53 11.91 22.19 24.84
CA HIS A 53 10.95 22.31 25.93
C HIS A 53 10.46 23.74 26.04
N SER A 54 9.54 23.95 26.97
CA SER A 54 8.91 25.23 27.24
C SER A 54 9.92 26.23 27.76
N GLN A 55 9.62 27.52 27.56
CA GLN A 55 10.44 28.67 27.95
C GLN A 55 11.80 28.65 27.23
N GLY A 56 11.74 28.28 25.94
CA GLY A 56 12.90 28.24 25.06
C GLY A 56 13.99 27.27 25.47
N GLU A 57 13.69 26.31 26.37
CA GLU A 57 14.69 25.33 26.80
C GLU A 57 15.06 24.36 25.65
N ILE A 58 16.36 24.20 25.42
CA ILE A 58 16.92 23.27 24.44
C ILE A 58 17.67 22.27 25.30
N ARG A 59 17.13 21.05 25.43
CA ARG A 59 17.71 19.98 26.24
C ARG A 59 18.56 19.05 25.39
N LEU A 60 19.85 19.00 25.67
CA LEU A 60 20.79 18.07 25.05
C LEU A 60 20.38 16.62 25.42
N LEU A 61 20.22 15.75 24.41
CA LEU A 61 19.86 14.35 24.63
C LEU A 61 21.11 13.52 24.51
N GLN A 62 21.54 13.22 23.28
CA GLN A 62 22.70 12.38 23.00
C GLN A 62 23.66 13.01 21.98
N SER A 63 24.92 12.56 21.97
CA SER A 63 25.98 13.01 21.07
C SER A 63 26.59 11.81 20.36
N TYR A 64 26.85 11.94 19.06
CA TYR A 64 27.50 10.89 18.26
C TYR A 64 28.80 11.48 17.79
N VAL A 65 29.91 10.87 18.18
CA VAL A 65 31.20 11.27 17.69
C VAL A 65 31.66 10.13 16.81
N ASP A 66 31.95 10.45 15.55
CA ASP A 66 32.42 9.49 14.58
C ASP A 66 33.84 9.00 14.95
N ALA A 67 34.07 7.67 14.79
CA ALA A 67 35.33 6.98 15.04
C ALA A 67 36.48 7.63 14.22
N ASP A 68 36.16 8.08 12.97
CA ASP A 68 37.08 8.79 12.08
C ASP A 68 37.10 10.27 12.51
N ALA A 69 38.25 10.72 13.04
CA ALA A 69 38.43 12.09 13.50
C ALA A 69 38.40 13.16 12.38
N ASP A 70 38.65 12.74 11.13
CA ASP A 70 38.76 13.65 9.98
C ASP A 70 37.45 13.79 9.20
N GLU A 71 36.39 13.08 9.61
CA GLU A 71 35.09 13.19 8.98
C GLU A 71 34.50 14.58 9.24
N ASN A 72 33.90 15.16 8.20
CA ASN A 72 33.21 16.42 8.35
C ASN A 72 31.81 16.31 7.79
N PHE A 73 30.84 16.01 8.68
CA PHE A 73 29.43 15.88 8.36
C PHE A 73 28.88 17.17 7.78
N TYR A 74 28.13 17.04 6.66
CA TYR A 74 27.58 18.19 5.96
C TYR A 74 26.08 18.15 6.00
N THR A 75 25.51 16.97 6.35
CA THR A 75 24.09 16.75 6.26
C THR A 75 23.57 15.57 7.05
N CYS A 76 22.30 15.66 7.42
CA CYS A 76 21.55 14.62 8.06
C CYS A 76 20.13 14.62 7.52
N ALA A 77 19.45 13.50 7.69
CA ALA A 77 18.06 13.34 7.30
C ALA A 77 17.44 12.27 8.22
N TRP A 78 16.20 12.51 8.65
CA TRP A 78 15.46 11.59 9.51
C TRP A 78 14.61 10.68 8.72
N THR A 79 14.53 9.44 9.22
CA THR A 79 13.62 8.42 8.73
C THR A 79 13.07 7.63 9.91
N TYR A 80 12.35 6.57 9.60
CA TYR A 80 11.90 5.60 10.55
C TYR A 80 12.04 4.21 9.95
N ASP A 81 12.22 3.18 10.82
CA ASP A 81 12.24 1.78 10.36
C ASP A 81 10.78 1.46 10.02
N SER A 82 10.49 1.00 8.80
CA SER A 82 9.12 0.66 8.38
C SER A 82 8.53 -0.56 9.12
N ASN A 83 9.38 -1.35 9.81
CA ASN A 83 8.94 -2.53 10.56
C ASN A 83 8.60 -2.21 12.03
N THR A 84 9.63 -1.72 12.77
CA THR A 84 9.58 -1.38 14.20
C THR A 84 9.03 0.03 14.54
N SER A 85 8.86 0.94 13.54
CA SER A 85 8.42 2.33 13.75
C SER A 85 9.47 3.17 14.51
N HIS A 86 10.66 2.62 14.75
CA HIS A 86 11.80 3.20 15.44
C HIS A 86 12.42 4.35 14.62
N PRO A 87 12.74 5.52 15.23
CA PRO A 87 13.36 6.61 14.45
C PRO A 87 14.78 6.28 13.99
N LEU A 88 15.16 6.74 12.80
CA LEU A 88 16.52 6.54 12.28
C LEU A 88 17.04 7.88 11.75
N LEU A 89 18.34 8.04 11.73
CA LEU A 89 18.95 9.25 11.27
C LEU A 89 20.15 8.93 10.37
N ALA A 90 20.13 9.42 9.14
CA ALA A 90 21.25 9.25 8.21
C ALA A 90 22.11 10.48 8.19
N VAL A 91 23.42 10.31 8.30
CA VAL A 91 24.40 11.40 8.31
C VAL A 91 25.54 11.11 7.30
N ALA A 92 26.15 12.16 6.70
CA ALA A 92 27.25 12.04 5.70
C ALA A 92 27.99 13.35 5.51
N GLY A 93 29.18 13.25 4.92
CA GLY A 93 30.00 14.42 4.66
C GLY A 93 31.20 14.23 3.78
N SER A 94 32.36 14.74 4.23
CA SER A 94 33.63 14.68 3.48
C SER A 94 34.07 13.28 3.06
N ARG A 95 33.84 12.26 3.92
CA ARG A 95 34.25 10.89 3.66
C ARG A 95 33.50 10.22 2.51
N GLY A 96 32.26 10.67 2.28
CA GLY A 96 31.40 10.09 1.26
C GLY A 96 30.83 8.77 1.70
N ILE A 97 30.75 8.57 3.04
CA ILE A 97 30.20 7.38 3.69
C ILE A 97 28.90 7.78 4.39
N ILE A 98 27.79 7.13 4.03
CA ILE A 98 26.46 7.35 4.65
C ILE A 98 26.37 6.48 5.90
N ARG A 99 25.99 7.06 7.05
CA ARG A 99 25.83 6.31 8.30
C ARG A 99 24.38 6.31 8.74
N ILE A 100 23.84 5.15 9.10
CA ILE A 100 22.47 5.09 9.63
C ILE A 100 22.62 4.93 11.14
N ILE A 101 22.21 5.97 11.86
CA ILE A 101 22.34 5.97 13.31
C ILE A 101 21.00 5.77 14.00
N ASN A 102 21.05 5.01 15.10
CA ASN A 102 19.91 4.80 15.99
C ASN A 102 19.97 6.04 16.90
N PRO A 103 19.05 7.00 16.74
CA PRO A 103 19.12 8.22 17.57
C PRO A 103 19.04 7.98 19.08
N ILE A 104 18.27 6.94 19.50
CA ILE A 104 18.07 6.57 20.90
C ILE A 104 19.39 6.08 21.58
N THR A 105 20.24 5.33 20.87
CA THR A 105 21.49 4.78 21.44
C THR A 105 22.78 5.40 20.87
N MET A 106 22.64 6.20 19.80
CA MET A 106 23.74 6.84 19.10
C MET A 106 24.73 5.83 18.53
N GLN A 107 24.22 4.63 18.17
CA GLN A 107 24.99 3.53 17.58
C GLN A 107 24.85 3.55 16.04
N CYS A 108 25.99 3.36 15.34
CA CYS A 108 26.02 3.23 13.89
C CYS A 108 25.45 1.83 13.65
N ILE A 109 24.22 1.78 13.09
CA ILE A 109 23.51 0.56 12.77
C ILE A 109 24.14 -0.02 11.51
N LYS A 110 24.22 0.80 10.45
CA LYS A 110 24.79 0.41 9.17
C LYS A 110 25.35 1.59 8.43
N HIS A 111 26.27 1.33 7.50
CA HIS A 111 26.83 2.38 6.69
C HIS A 111 26.88 1.96 5.21
N TYR A 112 26.95 2.93 4.28
CA TYR A 112 27.01 2.70 2.85
C TYR A 112 28.17 3.45 2.22
N VAL A 113 29.10 2.71 1.61
CA VAL A 113 30.21 3.26 0.86
C VAL A 113 29.82 3.10 -0.64
N GLY A 114 30.49 3.83 -1.53
CA GLY A 114 30.21 3.78 -2.95
C GLY A 114 30.45 5.11 -3.63
N HIS A 115 30.13 6.23 -2.94
CA HIS A 115 30.39 7.55 -3.49
C HIS A 115 31.89 7.77 -3.46
N GLY A 116 32.42 8.17 -4.62
CA GLY A 116 33.83 8.43 -4.83
C GLY A 116 34.35 9.74 -4.30
N ASN A 117 33.45 10.53 -3.71
CA ASN A 117 33.80 11.83 -3.14
C ASN A 117 32.82 12.22 -2.05
N ALA A 118 32.95 13.44 -1.51
CA ALA A 118 32.07 13.92 -0.46
C ALA A 118 30.55 13.91 -0.79
N ILE A 119 29.72 13.78 0.24
CA ILE A 119 28.27 13.83 0.11
C ILE A 119 27.81 15.18 0.63
N ASN A 120 27.04 15.89 -0.21
CA ASN A 120 26.51 17.22 0.12
C ASN A 120 25.11 17.20 0.71
N GLU A 121 24.28 16.25 0.27
CA GLU A 121 22.89 16.20 0.72
C GLU A 121 22.41 14.79 0.80
N LEU A 122 21.55 14.50 1.83
CA LEU A 122 20.82 13.25 2.04
C LEU A 122 19.34 13.59 2.15
N LYS A 123 18.50 12.89 1.43
CA LYS A 123 17.05 13.11 1.49
C LYS A 123 16.36 11.77 1.42
N PHE A 124 15.40 11.56 2.32
CA PHE A 124 14.53 10.38 2.35
C PHE A 124 13.27 10.68 1.56
N HIS A 125 12.80 9.66 0.80
CA HIS A 125 11.58 9.70 0.00
C HIS A 125 10.38 10.10 0.90
N PRO A 126 9.44 10.99 0.43
CA PRO A 126 8.29 11.36 1.28
C PRO A 126 7.23 10.28 1.55
N ARG A 127 7.19 9.19 0.76
CA ARG A 127 6.23 8.09 0.93
C ARG A 127 6.91 6.80 1.42
N ASP A 128 8.16 6.55 0.99
CA ASP A 128 8.91 5.38 1.39
C ASP A 128 10.08 5.69 2.35
N PRO A 129 10.00 5.30 3.64
CA PRO A 129 11.11 5.60 4.57
C PRO A 129 12.43 4.91 4.23
N ASN A 130 12.40 3.90 3.34
CA ASN A 130 13.62 3.15 2.95
C ASN A 130 14.41 3.72 1.79
N LEU A 131 13.80 4.62 0.99
CA LEU A 131 14.44 5.21 -0.17
C LEU A 131 15.21 6.50 0.17
N LEU A 132 16.53 6.35 0.28
CA LEU A 132 17.41 7.45 0.59
C LEU A 132 18.16 7.88 -0.67
N LEU A 133 18.15 9.20 -0.94
CA LEU A 133 18.90 9.78 -2.04
C LEU A 133 20.11 10.52 -1.48
N SER A 134 21.27 10.34 -2.07
CA SER A 134 22.50 11.06 -1.72
C SER A 134 23.04 11.78 -2.95
N VAL A 135 23.51 13.03 -2.78
CA VAL A 135 24.09 13.88 -3.83
C VAL A 135 25.55 14.12 -3.47
N SER A 136 26.45 13.90 -4.42
CA SER A 136 27.89 13.91 -4.23
C SER A 136 28.74 14.78 -5.16
N LYS A 137 29.96 15.04 -4.67
CA LYS A 137 31.02 15.75 -5.37
C LYS A 137 31.54 14.93 -6.56
N ASP A 138 31.25 13.61 -6.57
CA ASP A 138 31.64 12.68 -7.65
C ASP A 138 30.80 12.87 -8.97
N HIS A 139 29.87 13.89 -8.99
CA HIS A 139 29.00 14.34 -10.11
C HIS A 139 27.70 13.52 -10.19
N ALA A 140 27.52 12.57 -9.28
CA ALA A 140 26.31 11.73 -9.30
C ALA A 140 25.46 11.83 -8.05
N LEU A 141 24.19 11.37 -8.20
CA LEU A 141 23.14 11.16 -7.20
C LEU A 141 22.95 9.65 -7.15
N ARG A 142 22.71 9.12 -5.96
CA ARG A 142 22.50 7.69 -5.81
C ARG A 142 21.23 7.45 -5.01
N LEU A 143 20.45 6.43 -5.39
CA LEU A 143 19.22 6.06 -4.69
C LEU A 143 19.46 4.71 -4.02
N TRP A 144 19.27 4.65 -2.70
CA TRP A 144 19.48 3.44 -1.92
C TRP A 144 18.18 2.92 -1.29
N ASN A 145 18.10 1.58 -1.15
CA ASN A 145 17.01 0.93 -0.44
C ASN A 145 17.70 0.41 0.83
N ILE A 146 17.53 1.15 1.92
CA ILE A 146 18.17 0.88 3.21
C ILE A 146 17.51 -0.30 3.99
N GLN A 147 16.47 -0.95 3.45
CA GLN A 147 15.90 -2.16 4.05
C GLN A 147 16.68 -3.37 3.52
N THR A 148 16.87 -3.40 2.20
CA THR A 148 17.58 -4.49 1.51
C THR A 148 19.04 -4.18 1.33
N ASP A 149 19.50 -2.99 1.77
CA ASP A 149 20.92 -2.55 1.67
C ASP A 149 21.43 -2.50 0.24
N THR A 150 20.57 -2.13 -0.70
CA THR A 150 20.92 -2.08 -2.12
C THR A 150 21.04 -0.67 -2.70
N LEU A 151 21.93 -0.52 -3.68
CA LEU A 151 22.05 0.69 -4.49
C LEU A 151 21.03 0.49 -5.64
N VAL A 152 19.85 1.12 -5.54
CA VAL A 152 18.77 1.02 -6.53
C VAL A 152 19.19 1.61 -7.90
N ALA A 153 19.73 2.86 -7.89
CA ALA A 153 20.07 3.60 -9.11
C ALA A 153 21.18 4.63 -8.89
N ILE A 154 21.93 4.98 -9.96
CA ILE A 154 22.97 6.04 -10.02
C ILE A 154 22.49 7.01 -11.13
N PHE A 155 22.26 8.28 -10.78
CA PHE A 155 21.78 9.32 -11.70
C PHE A 155 22.97 10.20 -12.07
N GLY A 156 23.51 9.94 -13.26
CA GLY A 156 24.68 10.59 -13.82
C GLY A 156 25.24 9.78 -14.95
N GLY A 157 26.22 10.38 -15.62
CA GLY A 157 26.88 9.79 -16.77
C GLY A 157 26.83 10.75 -17.93
N VAL A 158 26.46 10.24 -19.11
CA VAL A 158 26.43 10.99 -20.38
C VAL A 158 25.73 12.36 -20.26
N GLU A 159 24.47 12.40 -19.80
CA GLU A 159 23.83 13.71 -19.68
C GLU A 159 23.60 14.10 -18.25
N GLY A 160 24.37 13.49 -17.34
CA GLY A 160 24.29 13.80 -15.92
C GLY A 160 25.09 15.06 -15.63
N HIS A 161 25.25 15.38 -14.33
CA HIS A 161 26.01 16.56 -13.90
C HIS A 161 27.49 16.45 -14.29
N ARG A 162 28.09 17.55 -14.70
CA ARG A 162 29.45 17.66 -15.22
C ARG A 162 30.41 18.18 -14.15
N ASP A 163 29.87 18.39 -12.94
CA ASP A 163 30.62 18.88 -11.79
C ASP A 163 29.87 18.45 -10.52
N GLU A 164 30.43 18.73 -9.35
CA GLU A 164 29.88 18.40 -8.02
C GLU A 164 28.40 18.71 -7.92
N VAL A 165 27.61 17.76 -7.41
CA VAL A 165 26.18 17.95 -7.21
C VAL A 165 26.12 18.51 -5.79
N LEU A 166 25.30 19.56 -5.62
CA LEU A 166 25.18 20.32 -4.39
C LEU A 166 23.89 20.08 -3.62
N SER A 167 22.76 19.96 -4.33
CA SER A 167 21.48 19.69 -3.68
C SER A 167 20.55 18.93 -4.57
N ALA A 168 19.46 18.45 -3.98
CA ALA A 168 18.36 17.75 -4.63
C ALA A 168 17.18 17.67 -3.72
N ASP A 169 16.02 17.53 -4.32
CA ASP A 169 14.76 17.46 -3.62
C ASP A 169 13.81 16.61 -4.40
N TYR A 170 13.03 15.78 -3.68
CA TYR A 170 11.94 14.93 -4.17
C TYR A 170 10.75 15.87 -4.22
N ASP A 171 9.78 15.66 -5.11
CA ASP A 171 8.57 16.50 -5.07
C ASP A 171 7.70 16.00 -3.91
N LEU A 172 6.56 16.67 -3.62
CA LEU A 172 5.72 16.32 -2.49
C LEU A 172 5.35 14.86 -2.43
N LEU A 173 4.97 14.27 -3.58
CA LEU A 173 4.56 12.87 -3.65
C LEU A 173 5.68 11.85 -3.95
N GLY A 174 6.87 12.34 -4.28
CA GLY A 174 8.01 11.48 -4.55
C GLY A 174 7.98 10.82 -5.91
N GLU A 175 7.45 11.50 -6.92
CA GLU A 175 7.39 10.99 -8.29
C GLU A 175 8.65 11.39 -9.07
N LYS A 176 9.32 12.45 -8.62
CA LYS A 176 10.45 13.02 -9.36
C LYS A 176 11.41 13.76 -8.43
N ILE A 177 12.65 13.87 -8.84
CA ILE A 177 13.74 14.52 -8.12
C ILE A 177 14.31 15.62 -9.03
N MET A 178 14.62 16.78 -8.42
CA MET A 178 15.31 17.86 -9.08
C MET A 178 16.66 17.93 -8.37
N SER A 179 17.77 17.93 -9.14
CA SER A 179 19.13 18.04 -8.63
C SER A 179 19.79 19.30 -9.19
N CYS A 180 20.89 19.75 -8.60
CA CYS A 180 21.61 20.96 -9.04
C CYS A 180 23.04 20.96 -8.56
N GLY A 181 23.93 21.60 -9.31
CA GLY A 181 25.33 21.65 -8.88
C GLY A 181 26.19 22.80 -9.36
N MET A 182 27.51 22.57 -9.31
CA MET A 182 28.55 23.50 -9.74
C MET A 182 28.60 23.70 -11.25
N ASP A 183 27.94 22.81 -12.01
CA ASP A 183 27.89 22.95 -13.45
C ASP A 183 26.80 23.94 -13.87
N HIS A 184 26.22 24.69 -12.88
CA HIS A 184 25.20 25.75 -13.03
C HIS A 184 23.87 25.18 -13.47
N SER A 185 23.73 23.85 -13.58
CA SER A 185 22.50 23.30 -14.13
C SER A 185 21.56 22.70 -13.09
N LEU A 186 20.28 22.63 -13.46
CA LEU A 186 19.22 22.04 -12.65
C LEU A 186 18.65 20.93 -13.51
N LYS A 187 18.74 19.69 -13.02
CA LYS A 187 18.28 18.51 -13.72
C LYS A 187 17.10 17.79 -13.04
N LEU A 188 16.13 17.35 -13.87
CA LEU A 188 14.95 16.60 -13.45
C LEU A 188 15.12 15.10 -13.71
N TRP A 189 14.80 14.26 -12.72
CA TRP A 189 14.93 12.81 -12.87
C TRP A 189 13.66 12.25 -12.36
N ARG A 190 12.84 11.67 -13.27
CA ARG A 190 11.54 11.10 -12.85
C ARG A 190 11.77 9.71 -12.30
N ILE A 191 11.24 9.43 -11.12
CA ILE A 191 11.43 8.13 -10.51
C ILE A 191 10.12 7.33 -10.49
N ASN A 192 9.09 7.84 -11.15
CA ASN A 192 7.79 7.21 -11.31
C ASN A 192 7.66 6.56 -12.73
N SER A 193 8.75 6.59 -13.52
CA SER A 193 8.83 5.95 -14.82
C SER A 193 8.76 4.44 -14.59
N LYS A 194 8.27 3.69 -15.59
CA LYS A 194 8.16 2.24 -15.48
C LYS A 194 9.52 1.59 -15.17
N ARG A 195 10.62 2.12 -15.78
CA ARG A 195 11.99 1.67 -15.54
C ARG A 195 12.38 1.78 -14.08
N MET A 196 12.16 2.96 -13.45
CA MET A 196 12.48 3.23 -12.07
C MET A 196 11.56 2.56 -11.06
N MET A 197 10.25 2.53 -11.31
CA MET A 197 9.29 1.86 -10.41
C MET A 197 9.58 0.37 -10.33
N ASN A 198 9.99 -0.25 -11.47
CA ASN A 198 10.36 -1.64 -11.50
C ASN A 198 11.69 -1.84 -10.77
N ALA A 199 12.66 -0.92 -10.99
CA ALA A 199 13.99 -0.96 -10.33
C ALA A 199 13.84 -0.90 -8.81
N ILE A 200 12.86 -0.12 -8.32
CA ILE A 200 12.55 -0.01 -6.90
C ILE A 200 11.98 -1.35 -6.38
N LYS A 201 11.06 -1.99 -7.15
CA LYS A 201 10.44 -3.25 -6.78
C LYS A 201 11.48 -4.36 -6.67
N GLU A 202 12.40 -4.39 -7.64
CA GLU A 202 13.49 -5.34 -7.76
C GLU A 202 14.38 -5.28 -6.55
N SER A 203 14.68 -4.06 -6.08
CA SER A 203 15.51 -3.85 -4.89
C SER A 203 14.85 -4.41 -3.64
N TYR A 204 13.51 -4.50 -3.63
CA TYR A 204 12.77 -5.07 -2.49
C TYR A 204 12.75 -6.60 -2.52
N ASP A 205 12.79 -7.20 -3.74
CA ASP A 205 12.78 -8.63 -4.00
C ASP A 205 14.15 -9.24 -3.79
N TYR A 206 15.22 -8.42 -3.83
CA TYR A 206 16.58 -8.91 -3.66
C TYR A 206 16.79 -9.58 -2.30
N ASN A 207 17.32 -10.81 -2.33
CA ASN A 207 17.57 -11.62 -1.15
C ASN A 207 19.02 -12.16 -1.22
N PRO A 208 19.96 -11.72 -0.35
CA PRO A 208 21.35 -12.22 -0.47
C PRO A 208 21.58 -13.63 0.10
N ASN A 209 20.64 -14.14 0.90
CA ASN A 209 20.72 -15.49 1.49
C ASN A 209 19.97 -16.53 0.61
N LYS A 210 19.40 -16.06 -0.53
CA LYS A 210 18.66 -16.86 -1.50
C LYS A 210 19.28 -16.78 -2.92
N THR A 211 20.31 -15.91 -3.10
CA THR A 211 21.07 -15.73 -4.35
C THR A 211 22.56 -15.40 -4.06
N ASN A 212 23.46 -15.74 -5.00
CA ASN A 212 24.91 -15.50 -4.87
C ASN A 212 25.36 -14.24 -5.63
N ARG A 213 24.59 -13.86 -6.67
CA ARG A 213 24.84 -12.69 -7.52
C ARG A 213 24.47 -11.37 -6.79
N PRO A 214 25.36 -10.35 -6.80
CA PRO A 214 24.98 -9.08 -6.14
C PRO A 214 23.97 -8.31 -6.98
N PHE A 215 23.19 -7.40 -6.34
CA PHE A 215 22.15 -6.61 -7.00
C PHE A 215 22.73 -5.64 -8.03
N ILE A 216 22.06 -5.55 -9.20
CA ILE A 216 22.44 -4.70 -10.32
C ILE A 216 21.70 -3.37 -10.26
N SER A 217 22.41 -2.31 -9.92
CA SER A 217 21.87 -0.94 -9.89
C SER A 217 21.53 -0.45 -11.31
N GLN A 218 20.58 0.46 -11.42
CA GLN A 218 20.28 1.09 -12.69
C GLN A 218 21.19 2.29 -12.85
N LYS A 219 21.71 2.52 -14.07
CA LYS A 219 22.51 3.69 -14.39
C LYS A 219 21.66 4.58 -15.25
N ILE A 220 21.22 5.70 -14.71
CA ILE A 220 20.39 6.70 -15.39
C ILE A 220 21.32 7.79 -15.90
N HIS A 221 21.71 7.72 -17.17
CA HIS A 221 22.61 8.67 -17.81
C HIS A 221 21.88 9.89 -18.29
N PHE A 222 20.57 9.78 -18.49
CA PHE A 222 19.80 10.87 -19.09
C PHE A 222 18.70 11.44 -18.22
N PRO A 223 18.73 12.77 -17.91
CA PRO A 223 17.65 13.37 -17.12
C PRO A 223 16.40 13.56 -18.01
N ASP A 224 15.29 13.93 -17.37
CA ASP A 224 14.02 14.15 -18.03
C ASP A 224 13.82 15.61 -18.36
N PHE A 225 14.69 16.45 -17.81
CA PHE A 225 14.74 17.87 -18.07
C PHE A 225 16.07 18.38 -17.56
N SER A 226 16.63 19.35 -18.28
CA SER A 226 17.90 20.00 -17.96
C SER A 226 17.88 21.45 -18.46
N THR A 227 18.29 22.38 -17.60
CA THR A 227 18.43 23.81 -17.90
C THR A 227 19.66 24.33 -17.19
N ARG A 228 20.36 25.27 -17.83
CA ARG A 228 21.53 26.00 -17.33
C ARG A 228 21.17 27.50 -17.49
N ASP A 229 19.88 27.79 -17.69
CA ASP A 229 19.39 29.13 -17.94
C ASP A 229 18.72 29.81 -16.78
N ILE A 230 18.84 29.29 -15.55
CA ILE A 230 18.25 29.98 -14.39
C ILE A 230 19.30 30.87 -13.67
N HIS A 231 20.48 30.32 -13.44
CA HIS A 231 21.58 30.97 -12.74
C HIS A 231 22.80 31.06 -13.63
N ARG A 232 23.68 32.02 -13.33
CA ARG A 232 24.91 32.25 -14.08
C ARG A 232 26.13 31.71 -13.34
N ASN A 233 25.88 30.99 -12.25
CA ASN A 233 26.92 30.38 -11.43
C ASN A 233 26.41 29.08 -10.78
N TYR A 234 27.17 28.55 -9.80
CA TYR A 234 26.92 27.35 -9.02
C TYR A 234 25.52 27.38 -8.39
N VAL A 235 24.81 26.24 -8.39
CA VAL A 235 23.46 26.12 -7.80
C VAL A 235 23.62 25.21 -6.57
N ASP A 236 23.58 25.78 -5.36
CA ASP A 236 23.85 25.05 -4.12
C ASP A 236 22.60 24.61 -3.31
N CYS A 237 21.39 25.00 -3.75
CA CYS A 237 20.16 24.65 -3.06
C CYS A 237 18.97 24.67 -3.97
N VAL A 238 18.16 23.60 -3.89
CA VAL A 238 16.95 23.39 -4.69
C VAL A 238 15.91 22.65 -3.89
N ARG A 239 14.68 23.09 -4.02
CA ARG A 239 13.49 22.49 -3.41
C ARG A 239 12.28 22.71 -4.34
N TRP A 240 11.36 21.77 -4.30
CA TRP A 240 10.12 21.87 -5.01
C TRP A 240 9.12 22.77 -4.24
N LEU A 241 8.45 23.67 -4.96
CA LEU A 241 7.33 24.46 -4.43
C LEU A 241 6.11 24.12 -5.30
N GLY A 242 5.44 23.03 -4.94
CA GLY A 242 4.33 22.50 -5.72
C GLY A 242 4.88 21.88 -6.98
N ASP A 243 4.53 22.49 -8.11
CA ASP A 243 4.98 22.06 -9.46
C ASP A 243 6.06 23.02 -9.96
N LEU A 244 6.40 24.02 -9.12
CA LEU A 244 7.41 25.05 -9.37
C LEU A 244 8.66 24.66 -8.57
N ILE A 245 9.77 25.28 -8.93
CA ILE A 245 11.09 25.07 -8.37
C ILE A 245 11.54 26.36 -7.72
N LEU A 246 12.33 26.20 -6.69
CA LEU A 246 12.93 27.24 -5.90
C LEU A 246 14.40 26.84 -5.88
N SER A 247 15.25 27.72 -6.40
CA SER A 247 16.67 27.48 -6.42
C SER A 247 17.42 28.76 -6.20
N LYS A 248 18.64 28.65 -5.60
CA LYS A 248 19.50 29.78 -5.35
C LYS A 248 20.93 29.56 -5.80
N SER A 249 21.61 30.69 -6.11
CA SER A 249 23.02 30.77 -6.49
C SER A 249 23.69 31.80 -5.55
N CYS A 250 24.63 32.61 -6.06
CA CYS A 250 25.28 33.62 -5.22
C CYS A 250 24.71 35.03 -5.43
N GLU A 251 23.69 35.17 -6.31
CA GLU A 251 23.01 36.39 -6.76
C GLU A 251 22.10 37.11 -5.70
N ASN A 252 22.05 36.61 -4.43
CA ASN A 252 21.25 37.16 -3.31
C ASN A 252 19.75 37.21 -3.60
N ALA A 253 19.27 36.14 -4.23
CA ALA A 253 17.89 35.90 -4.62
C ALA A 253 17.67 34.40 -4.74
N ILE A 254 16.45 33.97 -4.36
CA ILE A 254 15.99 32.60 -4.55
C ILE A 254 15.06 32.76 -5.75
N VAL A 255 15.43 32.16 -6.89
CA VAL A 255 14.62 32.23 -8.11
C VAL A 255 13.50 31.19 -8.05
N CYS A 256 12.25 31.60 -8.38
CA CYS A 256 11.12 30.66 -8.49
C CYS A 256 10.84 30.50 -9.96
N TRP A 257 10.95 29.27 -10.48
CA TRP A 257 10.80 28.96 -11.90
C TRP A 257 10.13 27.62 -12.14
N LYS A 258 9.89 27.30 -13.42
CA LYS A 258 9.30 26.03 -13.84
C LYS A 258 9.88 25.62 -15.18
N PRO A 259 10.02 24.32 -15.47
CA PRO A 259 10.52 23.91 -16.79
C PRO A 259 9.45 24.24 -17.83
N GLY A 260 9.89 24.55 -19.05
CA GLY A 260 8.99 24.88 -20.15
C GLY A 260 8.35 26.26 -20.06
N LYS A 261 7.27 26.43 -20.80
CA LYS A 261 6.50 27.65 -20.87
C LYS A 261 5.53 27.70 -19.69
N MET A 262 5.03 28.91 -19.41
CA MET A 262 4.10 29.27 -18.34
C MET A 262 2.99 28.26 -18.12
N GLU A 263 2.33 27.86 -19.19
CA GLU A 263 1.16 26.96 -19.15
C GLU A 263 1.49 25.47 -19.37
N ASP A 264 2.80 25.11 -19.41
CA ASP A 264 3.22 23.72 -19.59
C ASP A 264 3.04 22.87 -18.34
N ASP A 265 2.57 21.62 -18.50
CA ASP A 265 2.37 20.69 -17.38
C ASP A 265 3.69 19.98 -17.07
N ILE A 266 4.09 19.99 -15.77
CA ILE A 266 5.29 19.33 -15.29
C ILE A 266 5.39 17.89 -15.74
N ASP A 267 4.27 17.17 -15.90
CA ASP A 267 4.32 15.75 -16.27
C ASP A 267 4.30 15.48 -17.76
N LYS A 268 4.18 16.55 -18.56
CA LYS A 268 4.13 16.51 -20.03
C LYS A 268 5.37 17.18 -20.63
N ILE A 269 6.27 17.66 -19.76
CA ILE A 269 7.53 18.27 -20.19
C ILE A 269 8.40 17.17 -20.82
N LYS A 270 8.70 17.33 -22.14
CA LYS A 270 9.54 16.40 -22.89
C LYS A 270 11.02 16.56 -22.46
N PRO A 271 11.86 15.47 -22.47
CA PRO A 271 13.26 15.61 -22.03
C PRO A 271 14.07 16.67 -22.77
N SER A 272 13.75 16.89 -24.04
CA SER A 272 14.44 17.84 -24.92
C SER A 272 13.98 19.31 -24.71
N GLU A 273 13.05 19.57 -23.77
CA GLU A 273 12.55 20.92 -23.51
C GLU A 273 13.68 21.92 -23.36
N SER A 274 13.68 22.94 -24.25
CA SER A 274 14.69 24.00 -24.30
C SER A 274 14.28 25.27 -23.52
N ASN A 275 12.97 25.44 -23.22
CA ASN A 275 12.45 26.61 -22.50
C ASN A 275 12.27 26.42 -21.01
N VAL A 276 12.25 27.55 -20.31
CA VAL A 276 12.19 27.63 -18.85
C VAL A 276 11.46 28.95 -18.46
N THR A 277 10.48 28.88 -17.55
CA THR A 277 9.72 30.07 -17.17
C THR A 277 10.08 30.53 -15.75
N ILE A 278 10.59 31.77 -15.61
CA ILE A 278 10.92 32.41 -14.33
C ILE A 278 9.67 33.15 -13.85
N LEU A 279 9.18 32.76 -12.68
CA LEU A 279 7.95 33.26 -12.09
C LEU A 279 8.12 34.34 -11.03
N GLY A 280 9.31 34.48 -10.47
CA GLY A 280 9.57 35.46 -9.44
C GLY A 280 10.93 35.35 -8.81
N ARG A 281 11.16 36.10 -7.72
CA ARG A 281 12.45 36.13 -7.03
C ARG A 281 12.30 36.56 -5.59
N PHE A 282 12.96 35.85 -4.66
CA PHE A 282 12.97 36.19 -3.23
C PHE A 282 14.33 36.77 -2.96
N ASP A 283 14.38 38.09 -2.75
CA ASP A 283 15.61 38.85 -2.55
C ASP A 283 16.10 38.93 -1.11
N TYR A 284 17.42 39.00 -0.95
CA TYR A 284 18.09 39.14 0.34
C TYR A 284 19.45 39.71 0.06
N SER A 285 20.33 39.68 1.05
CA SER A 285 21.68 40.18 0.91
C SER A 285 22.62 39.42 1.80
N GLN A 286 23.91 39.55 1.49
CA GLN A 286 25.04 38.98 2.23
C GLN A 286 24.94 37.47 2.27
N CYS A 287 24.67 36.87 1.11
CA CYS A 287 24.62 35.43 0.98
C CYS A 287 25.17 35.06 -0.39
N ASP A 288 26.46 35.38 -0.58
CA ASP A 288 27.22 35.16 -1.80
C ASP A 288 28.24 34.02 -1.67
N ILE A 289 28.50 33.56 -0.43
CA ILE A 289 29.38 32.43 -0.09
C ILE A 289 28.64 31.11 -0.46
N TRP A 290 29.39 30.03 -0.70
CA TRP A 290 28.86 28.72 -1.04
C TRP A 290 28.40 27.94 0.17
N TYR A 291 27.41 27.07 -0.03
CA TYR A 291 26.87 26.14 0.99
C TYR A 291 26.01 26.85 2.06
N MET A 292 24.93 27.48 1.59
CA MET A 292 23.93 28.18 2.40
C MET A 292 22.61 27.69 1.85
N ARG A 293 21.86 26.90 2.65
CA ARG A 293 20.62 26.24 2.27
C ARG A 293 19.42 26.94 2.79
N PHE A 294 18.35 26.94 1.99
CA PHE A 294 17.11 27.54 2.45
C PHE A 294 16.24 26.38 2.89
N SER A 295 15.09 26.67 3.54
CA SER A 295 14.20 25.64 4.05
C SER A 295 12.74 26.10 4.01
N MET A 296 11.83 25.14 4.08
CA MET A 296 10.41 25.41 4.16
C MET A 296 9.81 24.63 5.33
N ASP A 297 8.67 25.10 5.83
CA ASP A 297 7.93 24.40 6.89
C ASP A 297 7.16 23.27 6.16
N PHE A 298 6.56 22.33 6.89
CA PHE A 298 5.87 21.19 6.29
C PHE A 298 4.78 21.60 5.26
N TRP A 299 3.90 22.52 5.62
CA TRP A 299 2.80 22.98 4.78
C TRP A 299 3.24 23.91 3.67
N GLN A 300 4.55 24.16 3.56
CA GLN A 300 5.19 25.04 2.55
C GLN A 300 4.50 26.41 2.51
N LYS A 301 4.44 27.07 3.67
CA LYS A 301 3.80 28.37 3.90
C LYS A 301 4.84 29.41 4.23
N MET A 302 5.97 28.96 4.76
CA MET A 302 7.05 29.81 5.15
C MET A 302 8.31 29.33 4.53
N LEU A 303 9.14 30.27 4.05
CA LEU A 303 10.45 30.00 3.47
C LEU A 303 11.47 30.70 4.34
N ALA A 304 12.56 30.00 4.71
CA ALA A 304 13.60 30.62 5.53
C ALA A 304 14.97 30.45 4.96
N LEU A 305 15.82 31.49 5.10
CA LEU A 305 17.23 31.48 4.69
C LEU A 305 18.05 32.41 5.55
N GLY A 306 19.18 31.90 6.01
CA GLY A 306 20.15 32.63 6.83
C GLY A 306 21.22 33.22 5.94
N ASN A 307 21.79 34.37 6.36
CA ASN A 307 22.84 34.98 5.55
C ASN A 307 24.19 34.84 6.24
N GLN A 308 25.25 35.34 5.60
CA GLN A 308 26.62 35.15 6.11
C GLN A 308 26.91 35.98 7.33
N VAL A 309 25.96 36.81 7.72
CA VAL A 309 26.22 37.72 8.82
C VAL A 309 25.22 37.52 10.01
N GLY A 310 24.59 36.36 10.05
CA GLY A 310 23.69 35.97 11.13
C GLY A 310 22.25 36.40 11.02
N LYS A 311 21.82 37.01 9.89
CA LYS A 311 20.41 37.43 9.70
C LYS A 311 19.61 36.26 9.14
N LEU A 312 18.37 36.15 9.59
CA LEU A 312 17.48 35.09 9.18
C LEU A 312 16.31 35.72 8.44
N TYR A 313 16.29 35.54 7.13
CA TYR A 313 15.21 36.03 6.28
C TYR A 313 14.08 35.02 6.26
N VAL A 314 12.85 35.49 6.40
CA VAL A 314 11.66 34.66 6.39
C VAL A 314 10.63 35.28 5.44
N TRP A 315 10.01 34.47 4.56
CA TRP A 315 9.00 34.91 3.62
C TRP A 315 7.72 34.11 3.83
N ASP A 316 6.56 34.72 3.52
CA ASP A 316 5.25 34.11 3.56
C ASP A 316 4.92 33.67 2.15
N LEU A 317 4.99 32.36 1.91
CA LEU A 317 4.71 31.71 0.64
C LEU A 317 3.23 31.75 0.23
N GLU A 318 2.33 32.31 1.06
CA GLU A 318 0.92 32.46 0.71
C GLU A 318 0.69 33.85 0.06
N VAL A 319 1.75 34.68 0.02
CA VAL A 319 1.73 35.99 -0.60
C VAL A 319 2.23 35.79 -2.03
N GLU A 320 1.35 36.10 -3.01
CA GLU A 320 1.58 35.94 -4.46
C GLU A 320 2.85 36.68 -4.97
N ASP A 321 3.05 37.97 -4.60
CA ASP A 321 4.24 38.72 -5.01
C ASP A 321 5.39 38.45 -4.01
N PRO A 322 6.58 37.97 -4.48
CA PRO A 322 7.68 37.67 -3.54
C PRO A 322 8.28 38.88 -2.79
N HIS A 323 7.93 40.12 -3.22
CA HIS A 323 8.38 41.36 -2.61
C HIS A 323 7.56 41.74 -1.37
N LYS A 324 6.22 41.67 -1.44
CA LYS A 324 5.38 41.96 -0.28
C LYS A 324 5.13 40.70 0.62
N ALA A 325 5.95 39.63 0.41
CA ALA A 325 5.94 38.36 1.11
C ALA A 325 7.01 38.31 2.22
N LYS A 326 7.99 39.22 2.18
CA LYS A 326 9.09 39.23 3.14
C LYS A 326 8.66 39.69 4.54
N CYS A 327 8.79 38.78 5.51
CA CYS A 327 8.47 39.08 6.92
C CYS A 327 9.66 39.79 7.50
N THR A 328 9.50 40.32 8.71
CA THR A 328 10.54 40.99 9.46
C THR A 328 11.72 40.04 9.57
N THR A 329 12.94 40.52 9.25
CA THR A 329 14.16 39.72 9.32
C THR A 329 14.48 39.41 10.78
N LEU A 330 14.80 38.14 11.04
CA LEU A 330 15.12 37.67 12.38
C LEU A 330 16.59 37.89 12.68
N THR A 331 16.84 38.97 13.42
CA THR A 331 18.17 39.36 13.87
C THR A 331 18.25 39.36 15.41
N HIS A 332 19.44 39.09 15.87
CA HIS A 332 19.84 39.14 17.25
C HIS A 332 21.27 39.69 17.21
N HIS A 333 21.49 40.82 17.89
CA HIS A 333 22.79 41.51 17.94
C HIS A 333 23.99 40.59 18.28
N LYS A 334 23.73 39.45 18.98
CA LYS A 334 24.72 38.45 19.38
C LYS A 334 24.94 37.35 18.32
N CYS A 335 24.01 37.22 17.35
CA CYS A 335 24.08 36.26 16.24
C CYS A 335 24.79 36.97 15.05
N GLY A 336 26.10 36.73 14.90
CA GLY A 336 26.87 37.37 13.85
C GLY A 336 27.54 36.50 12.79
N ALA A 337 27.74 35.18 13.07
CA ALA A 337 28.35 34.23 12.13
C ALA A 337 27.37 33.75 11.08
N ALA A 338 27.89 33.11 9.99
CA ALA A 338 27.06 32.58 8.89
C ALA A 338 26.04 31.52 9.33
N ILE A 339 24.76 31.74 8.99
CA ILE A 339 23.72 30.77 9.23
C ILE A 339 23.70 29.77 8.03
N ARG A 340 24.28 28.55 8.27
CA ARG A 340 24.40 27.48 7.28
C ARG A 340 23.07 26.82 6.90
N GLN A 341 22.22 26.55 7.89
CA GLN A 341 20.94 25.90 7.66
C GLN A 341 19.96 26.19 8.80
N THR A 342 18.66 26.20 8.45
CA THR A 342 17.51 26.39 9.34
C THR A 342 16.58 25.16 9.26
N SER A 343 15.75 24.97 10.28
CA SER A 343 14.76 23.92 10.33
C SER A 343 13.60 24.38 11.16
N PHE A 344 12.39 24.29 10.58
CA PHE A 344 11.11 24.49 11.24
C PHE A 344 10.70 23.17 11.85
N SER A 345 10.06 23.23 13.04
CA SER A 345 9.46 22.05 13.67
C SER A 345 8.25 21.66 12.81
N ARG A 346 7.76 20.41 12.92
CA ARG A 346 6.66 19.91 12.11
C ARG A 346 5.47 20.84 12.08
N ASP A 347 5.04 21.36 13.26
CA ASP A 347 3.91 22.29 13.40
C ASP A 347 4.26 23.78 13.12
N SER A 348 5.55 24.06 12.81
CA SER A 348 6.07 25.41 12.48
C SER A 348 6.03 26.38 13.67
N SER A 349 6.03 25.82 14.91
CA SER A 349 6.05 26.63 16.13
C SER A 349 7.48 27.04 16.44
N ILE A 350 8.50 26.25 16.04
CA ILE A 350 9.91 26.56 16.31
C ILE A 350 10.76 26.66 15.03
N LEU A 351 11.69 27.59 14.99
CA LEU A 351 12.68 27.72 13.93
C LEU A 351 14.05 27.66 14.59
N ILE A 352 14.86 26.64 14.24
CA ILE A 352 16.24 26.57 14.74
C ILE A 352 17.20 27.00 13.59
N ALA A 353 18.29 27.70 13.94
CA ALA A 353 19.31 28.12 12.96
C ALA A 353 20.67 27.70 13.51
N VAL A 354 21.55 27.21 12.64
CA VAL A 354 22.90 26.75 13.04
C VAL A 354 23.98 27.55 12.29
N CYS A 355 25.14 27.81 12.96
CA CYS A 355 26.21 28.70 12.47
C CYS A 355 27.61 28.13 12.41
N ASP A 356 28.54 28.93 11.80
CA ASP A 356 29.98 28.65 11.69
C ASP A 356 30.74 28.68 13.04
N ASP A 357 30.17 29.37 14.02
CA ASP A 357 30.75 29.49 15.37
C ASP A 357 30.15 28.45 16.36
N ALA A 358 29.62 27.31 15.86
CA ALA A 358 29.00 26.23 16.66
C ALA A 358 27.75 26.66 17.46
N SER A 359 27.17 27.81 17.14
CA SER A 359 26.00 28.25 17.87
C SER A 359 24.68 27.84 17.20
N ILE A 360 23.68 27.50 18.04
CA ILE A 360 22.31 27.10 17.71
C ILE A 360 21.46 28.25 18.16
N TRP A 361 20.37 28.57 17.45
CA TRP A 361 19.51 29.71 17.76
C TRP A 361 18.08 29.30 17.63
N ARG A 362 17.30 29.52 18.69
CA ARG A 362 15.92 29.10 18.73
C ARG A 362 15.00 30.28 18.64
N TRP A 363 14.21 30.32 17.60
CA TRP A 363 13.23 31.35 17.33
C TRP A 363 11.84 30.74 17.45
N ASP A 364 11.03 31.17 18.43
CA ASP A 364 9.67 30.64 18.62
C ASP A 364 8.63 31.58 18.01
N ARG A 365 7.70 31.04 17.20
CA ARG A 365 6.64 31.84 16.55
C ARG A 365 5.76 32.51 17.61
N LEU A 366 5.32 33.76 17.34
CA LEU A 366 4.44 34.52 18.27
C LEU A 366 2.97 34.24 18.00
N LYS B 3 -32.97 -12.40 -23.76
CA LYS B 3 -32.07 -11.38 -23.21
C LYS B 3 -30.68 -11.94 -22.84
N CYS B 4 -30.62 -13.20 -22.34
CA CYS B 4 -29.34 -13.85 -22.00
C CYS B 4 -28.59 -14.25 -23.27
N LYS B 5 -27.39 -13.71 -23.42
CA LYS B 5 -26.50 -13.91 -24.56
C LYS B 5 -25.78 -15.27 -24.55
N TYR B 6 -25.14 -15.60 -23.40
CA TYR B 6 -24.22 -16.73 -23.15
C TYR B 6 -24.73 -18.14 -23.47
N SER B 7 -23.92 -18.84 -24.27
CA SER B 7 -24.12 -20.22 -24.66
C SER B 7 -22.81 -20.95 -24.45
N PHE B 8 -22.89 -22.18 -23.93
CA PHE B 8 -21.73 -23.02 -23.66
C PHE B 8 -21.86 -24.35 -24.38
N LYS B 9 -20.73 -25.02 -24.63
CA LYS B 9 -20.62 -26.30 -25.29
C LYS B 9 -19.84 -27.18 -24.33
N CYS B 10 -20.28 -28.42 -24.14
CA CYS B 10 -19.55 -29.30 -23.26
C CYS B 10 -18.42 -29.89 -24.07
N VAL B 11 -17.17 -29.53 -23.75
CA VAL B 11 -16.01 -29.96 -24.56
C VAL B 11 -15.27 -31.19 -23.97
N ASN B 12 -15.51 -31.53 -22.70
CA ASN B 12 -14.84 -32.67 -22.07
C ASN B 12 -15.40 -32.98 -20.69
N SER B 13 -15.04 -34.14 -20.17
CA SER B 13 -15.36 -34.67 -18.86
C SER B 13 -14.39 -35.79 -18.53
N LEU B 14 -14.19 -36.06 -17.24
CA LEU B 14 -13.34 -37.15 -16.75
C LEU B 14 -13.84 -37.49 -15.36
N LYS B 15 -13.42 -38.63 -14.83
CA LYS B 15 -13.78 -39.08 -13.49
C LYS B 15 -12.48 -39.34 -12.75
N GLU B 16 -12.42 -38.95 -11.45
CA GLU B 16 -11.24 -39.17 -10.60
C GLU B 16 -11.32 -40.62 -10.09
N ASP B 17 -10.17 -41.33 -10.12
CA ASP B 17 -10.10 -42.77 -9.82
C ASP B 17 -10.49 -43.17 -8.37
N HIS B 18 -10.51 -42.23 -7.39
CA HIS B 18 -10.93 -42.54 -6.02
C HIS B 18 -12.41 -42.83 -5.88
N ASN B 19 -13.23 -42.38 -6.88
CA ASN B 19 -14.71 -42.55 -7.00
C ASN B 19 -15.54 -41.75 -5.96
N GLN B 20 -14.87 -41.08 -5.00
CA GLN B 20 -15.52 -40.33 -3.90
C GLN B 20 -16.10 -38.99 -4.36
N PRO B 21 -17.22 -38.49 -3.76
CA PRO B 21 -17.77 -37.19 -4.18
C PRO B 21 -16.79 -36.02 -4.19
N LEU B 22 -16.94 -35.16 -5.18
CA LEU B 22 -16.10 -33.98 -5.28
C LEU B 22 -16.99 -32.87 -4.77
N PHE B 23 -16.51 -32.16 -3.74
CA PHE B 23 -17.31 -31.14 -3.10
C PHE B 23 -17.01 -29.73 -3.57
N GLY B 24 -15.75 -29.45 -3.83
CA GLY B 24 -15.32 -28.14 -4.29
C GLY B 24 -14.53 -28.16 -5.59
N VAL B 25 -14.50 -27.00 -6.20
CA VAL B 25 -13.77 -26.68 -7.41
C VAL B 25 -13.58 -25.17 -7.38
N GLN B 26 -12.34 -24.72 -7.64
CA GLN B 26 -12.00 -23.32 -7.72
C GLN B 26 -10.96 -23.15 -8.77
N PHE B 27 -11.17 -22.22 -9.67
CA PHE B 27 -10.15 -21.85 -10.61
C PHE B 27 -9.27 -20.91 -9.82
N ASN B 28 -8.00 -20.84 -10.20
CA ASN B 28 -7.09 -19.90 -9.61
C ASN B 28 -7.26 -18.56 -10.34
N TRP B 29 -7.86 -17.55 -9.72
CA TRP B 29 -8.02 -16.26 -10.39
C TRP B 29 -6.78 -15.33 -10.25
N HIS B 30 -5.77 -15.81 -9.52
CA HIS B 30 -4.57 -15.03 -9.33
C HIS B 30 -3.57 -15.18 -10.45
N SER B 31 -3.70 -16.20 -11.31
CA SER B 31 -2.74 -16.35 -12.40
C SER B 31 -2.81 -15.14 -13.39
N LYS B 32 -1.66 -14.72 -13.97
CA LYS B 32 -1.62 -13.54 -14.86
C LYS B 32 -2.18 -13.84 -16.24
N GLU B 33 -2.65 -12.80 -16.95
CA GLU B 33 -3.23 -12.92 -18.29
C GLU B 33 -2.28 -13.66 -19.21
N GLY B 34 -2.79 -14.71 -19.83
CA GLY B 34 -2.03 -15.53 -20.76
C GLY B 34 -1.40 -16.76 -20.15
N ASP B 35 -1.37 -16.87 -18.81
CA ASP B 35 -0.84 -18.04 -18.11
C ASP B 35 -1.86 -19.15 -18.26
N PRO B 36 -1.49 -20.43 -18.12
CA PRO B 36 -2.51 -21.49 -18.28
C PRO B 36 -3.60 -21.40 -17.22
N LEU B 37 -4.88 -21.62 -17.62
CA LEU B 37 -6.03 -21.63 -16.69
C LEU B 37 -5.95 -22.94 -15.87
N VAL B 38 -5.86 -22.82 -14.56
CA VAL B 38 -5.66 -23.91 -13.62
C VAL B 38 -6.81 -23.91 -12.58
N PHE B 39 -7.29 -25.09 -12.24
CA PHE B 39 -8.34 -25.16 -11.22
C PHE B 39 -8.03 -26.30 -10.30
N ALA B 40 -8.55 -26.22 -9.08
CA ALA B 40 -8.36 -27.24 -8.07
C ALA B 40 -9.68 -27.92 -7.78
N THR B 41 -9.63 -29.21 -7.42
CA THR B 41 -10.80 -29.99 -7.01
C THR B 41 -10.51 -30.64 -5.65
N VAL B 42 -11.53 -30.70 -4.79
CA VAL B 42 -11.47 -31.31 -3.45
C VAL B 42 -12.56 -32.34 -3.29
N GLY B 43 -12.18 -33.42 -2.63
CA GLY B 43 -13.06 -34.55 -2.34
C GLY B 43 -12.25 -35.59 -1.62
N SER B 44 -12.90 -36.32 -0.66
CA SER B 44 -12.20 -37.30 0.19
C SER B 44 -10.96 -36.59 0.80
N ASN B 45 -9.83 -37.29 0.93
CA ASN B 45 -8.59 -36.70 1.42
C ASN B 45 -7.73 -36.27 0.22
N ARG B 46 -8.40 -35.84 -0.87
CA ARG B 46 -7.71 -35.43 -2.09
C ARG B 46 -7.94 -33.96 -2.47
N VAL B 47 -6.93 -33.40 -3.13
CA VAL B 47 -6.88 -32.06 -3.67
C VAL B 47 -6.15 -32.27 -5.00
N THR B 48 -6.83 -31.99 -6.13
CA THR B 48 -6.21 -32.17 -7.45
C THR B 48 -6.16 -30.89 -8.27
N LEU B 49 -5.03 -30.66 -8.90
CA LEU B 49 -4.79 -29.54 -9.80
C LEU B 49 -4.80 -30.01 -11.25
N TYR B 50 -5.56 -29.27 -12.08
CA TYR B 50 -5.69 -29.51 -13.51
C TYR B 50 -5.46 -28.24 -14.27
N GLU B 51 -4.89 -28.36 -15.46
CA GLU B 51 -4.66 -27.25 -16.38
C GLU B 51 -5.60 -27.42 -17.57
N CYS B 52 -6.18 -26.30 -18.05
CA CYS B 52 -7.09 -26.26 -19.16
C CYS B 52 -6.32 -25.84 -20.38
N HIS B 53 -6.40 -26.67 -21.43
CA HIS B 53 -5.73 -26.41 -22.69
C HIS B 53 -6.75 -26.35 -23.80
N SER B 54 -6.28 -26.08 -25.03
CA SER B 54 -7.10 -26.01 -26.23
C SER B 54 -7.74 -27.35 -26.55
N GLN B 55 -8.89 -27.30 -27.26
CA GLN B 55 -9.67 -28.47 -27.69
C GLN B 55 -10.23 -29.30 -26.50
N GLY B 56 -10.68 -28.63 -25.46
CA GLY B 56 -11.23 -29.25 -24.26
C GLY B 56 -10.30 -30.04 -23.39
N GLU B 57 -8.98 -30.04 -23.69
CA GLU B 57 -8.00 -30.80 -22.90
C GLU B 57 -7.89 -30.29 -21.48
N ILE B 58 -7.91 -31.22 -20.54
CA ILE B 58 -7.82 -31.04 -19.08
C ILE B 58 -6.62 -31.92 -18.69
N ARG B 59 -5.48 -31.27 -18.51
CA ARG B 59 -4.23 -31.93 -18.20
C ARG B 59 -4.06 -31.98 -16.69
N LEU B 60 -3.87 -33.18 -16.15
CA LEU B 60 -3.62 -33.37 -14.73
C LEU B 60 -2.22 -32.88 -14.42
N LEU B 61 -2.11 -31.95 -13.45
CA LEU B 61 -0.82 -31.42 -13.02
C LEU B 61 -0.25 -32.29 -11.90
N GLN B 62 -0.85 -32.24 -10.70
CA GLN B 62 -0.40 -33.00 -9.52
C GLN B 62 -1.58 -33.30 -8.62
N SER B 63 -1.39 -34.23 -7.69
CA SER B 63 -2.40 -34.63 -6.72
C SER B 63 -1.86 -34.54 -5.31
N TYR B 64 -2.73 -34.22 -4.34
CA TYR B 64 -2.35 -34.14 -2.95
C TYR B 64 -3.22 -35.10 -2.23
N VAL B 65 -2.59 -36.05 -1.54
CA VAL B 65 -3.28 -37.06 -0.75
C VAL B 65 -2.94 -36.81 0.73
N ASP B 66 -3.97 -36.55 1.52
CA ASP B 66 -3.80 -36.33 2.95
C ASP B 66 -3.49 -37.67 3.63
N ALA B 67 -2.51 -37.67 4.56
CA ALA B 67 -2.10 -38.85 5.37
C ALA B 67 -3.34 -39.45 6.09
N ASP B 68 -4.21 -38.56 6.61
CA ASP B 68 -5.46 -38.87 7.30
C ASP B 68 -6.46 -39.30 6.22
N ALA B 69 -6.68 -40.62 6.08
CA ALA B 69 -7.60 -41.20 5.09
C ALA B 69 -9.06 -40.89 5.45
N ASP B 70 -9.29 -40.56 6.73
CA ASP B 70 -10.63 -40.25 7.22
C ASP B 70 -11.01 -38.80 6.95
N GLU B 71 -10.01 -37.95 6.59
CA GLU B 71 -10.18 -36.54 6.24
C GLU B 71 -11.01 -36.39 4.96
N ASN B 72 -11.96 -35.45 4.97
CA ASN B 72 -12.86 -35.19 3.86
C ASN B 72 -13.06 -33.68 3.64
N PHE B 73 -12.40 -33.19 2.57
CA PHE B 73 -12.33 -31.83 2.11
C PHE B 73 -13.62 -31.35 1.45
N TYR B 74 -14.16 -30.23 1.93
CA TYR B 74 -15.40 -29.69 1.41
C TYR B 74 -15.16 -28.43 0.62
N THR B 75 -13.98 -27.81 0.81
CA THR B 75 -13.69 -26.53 0.23
C THR B 75 -12.19 -26.29 0.05
N CYS B 76 -11.87 -25.42 -0.90
CA CYS B 76 -10.52 -24.95 -1.19
C CYS B 76 -10.64 -23.48 -1.57
N ALA B 77 -9.57 -22.73 -1.44
CA ALA B 77 -9.53 -21.33 -1.84
C ALA B 77 -8.07 -20.98 -2.21
N TRP B 78 -7.89 -20.11 -3.21
CA TRP B 78 -6.60 -19.68 -3.75
C TRP B 78 -6.13 -18.35 -3.23
N THR B 79 -4.82 -18.23 -3.03
CA THR B 79 -4.17 -17.00 -2.64
C THR B 79 -2.75 -16.96 -3.20
N TYR B 80 -1.95 -16.02 -2.71
CA TYR B 80 -0.56 -15.85 -3.07
C TYR B 80 0.20 -15.23 -1.89
N ASP B 81 1.51 -15.52 -1.83
CA ASP B 81 2.40 -14.90 -0.85
C ASP B 81 2.55 -13.44 -1.32
N SER B 82 2.15 -12.49 -0.45
CA SER B 82 2.21 -11.05 -0.71
C SER B 82 3.62 -10.55 -1.09
N ASN B 83 4.67 -11.21 -0.55
CA ASN B 83 6.08 -10.86 -0.80
C ASN B 83 6.67 -11.53 -2.05
N THR B 84 6.69 -12.88 -2.07
CA THR B 84 7.30 -13.71 -3.13
C THR B 84 6.48 -13.84 -4.44
N SER B 85 5.17 -13.44 -4.42
CA SER B 85 4.21 -13.54 -5.56
C SER B 85 3.98 -14.99 -5.96
N HIS B 86 4.14 -15.89 -5.02
CA HIS B 86 4.02 -17.31 -5.18
C HIS B 86 2.59 -17.74 -4.93
N PRO B 87 1.99 -18.61 -5.77
CA PRO B 87 0.60 -19.04 -5.52
C PRO B 87 0.47 -19.96 -4.31
N LEU B 88 -0.71 -19.93 -3.65
CA LEU B 88 -0.98 -20.79 -2.50
C LEU B 88 -2.41 -21.33 -2.59
N LEU B 89 -2.63 -22.48 -1.99
CA LEU B 89 -3.94 -23.10 -1.93
C LEU B 89 -4.30 -23.51 -0.50
N ALA B 90 -5.39 -22.97 0.06
CA ALA B 90 -5.92 -23.38 1.37
C ALA B 90 -7.05 -24.35 1.15
N VAL B 91 -7.06 -25.48 1.92
CA VAL B 91 -8.09 -26.54 1.89
C VAL B 91 -8.52 -26.91 3.31
N ALA B 92 -9.77 -27.37 3.46
CA ALA B 92 -10.35 -27.78 4.75
C ALA B 92 -11.60 -28.60 4.52
N GLY B 93 -11.99 -29.34 5.54
CA GLY B 93 -13.15 -30.19 5.52
C GLY B 93 -13.52 -30.67 6.91
N SER B 94 -13.89 -31.98 7.01
CA SER B 94 -14.40 -32.70 8.20
C SER B 94 -13.56 -32.56 9.47
N ARG B 95 -12.24 -32.70 9.38
CA ARG B 95 -11.33 -32.59 10.51
C ARG B 95 -11.28 -31.21 11.18
N GLY B 96 -11.65 -30.14 10.45
CA GLY B 96 -11.60 -28.77 10.94
C GLY B 96 -10.20 -28.19 10.99
N ILE B 97 -9.26 -28.79 10.24
CA ILE B 97 -7.87 -28.35 10.13
C ILE B 97 -7.73 -27.63 8.80
N ILE B 98 -7.20 -26.39 8.82
CA ILE B 98 -6.96 -25.60 7.61
C ILE B 98 -5.58 -25.98 7.09
N ARG B 99 -5.48 -26.37 5.81
CA ARG B 99 -4.18 -26.71 5.26
C ARG B 99 -3.76 -25.76 4.18
N ILE B 100 -2.52 -25.25 4.30
CA ILE B 100 -1.93 -24.38 3.30
C ILE B 100 -0.99 -25.27 2.51
N ILE B 101 -1.31 -25.48 1.23
CA ILE B 101 -0.57 -26.32 0.29
C ILE B 101 0.04 -25.46 -0.77
N ASN B 102 1.29 -25.76 -1.11
CA ASN B 102 2.04 -25.13 -2.19
C ASN B 102 1.49 -25.78 -3.47
N PRO B 103 0.82 -25.05 -4.38
CA PRO B 103 0.28 -25.71 -5.57
C PRO B 103 1.33 -26.14 -6.62
N ILE B 104 2.59 -25.65 -6.50
CA ILE B 104 3.68 -25.97 -7.44
C ILE B 104 4.35 -27.32 -7.08
N THR B 105 4.58 -27.55 -5.78
CA THR B 105 5.19 -28.78 -5.26
C THR B 105 4.14 -29.80 -4.76
N MET B 106 2.91 -29.32 -4.51
CA MET B 106 1.77 -30.08 -3.99
C MET B 106 2.06 -30.65 -2.60
N GLN B 107 2.75 -29.85 -1.79
CA GLN B 107 3.10 -30.23 -0.44
C GLN B 107 2.50 -29.24 0.54
N CYS B 108 2.16 -29.71 1.74
CA CYS B 108 1.64 -28.88 2.82
C CYS B 108 2.78 -27.96 3.28
N ILE B 109 2.49 -26.67 3.43
CA ILE B 109 3.41 -25.64 3.91
C ILE B 109 3.23 -25.53 5.42
N LYS B 110 1.96 -25.51 5.87
CA LYS B 110 1.55 -25.39 7.27
C LYS B 110 0.05 -25.64 7.46
N HIS B 111 -0.34 -25.97 8.68
CA HIS B 111 -1.74 -26.19 9.03
C HIS B 111 -2.18 -25.36 10.26
N TYR B 112 -3.49 -25.16 10.41
CA TYR B 112 -4.04 -24.43 11.53
C TYR B 112 -5.08 -25.31 12.18
N VAL B 113 -4.87 -25.68 13.46
CA VAL B 113 -5.87 -26.46 14.20
C VAL B 113 -6.87 -25.40 14.63
N GLY B 114 -7.80 -25.11 13.73
CA GLY B 114 -8.77 -24.07 13.95
C GLY B 114 -9.85 -24.43 14.94
N HIS B 115 -11.00 -24.64 14.35
CA HIS B 115 -12.27 -24.97 14.94
C HIS B 115 -12.28 -26.37 15.56
N GLY B 116 -13.19 -26.58 16.51
CA GLY B 116 -13.40 -27.86 17.19
C GLY B 116 -14.51 -28.67 16.53
N ASN B 117 -14.76 -28.40 15.22
CA ASN B 117 -15.72 -29.04 14.31
C ASN B 117 -15.36 -28.72 12.84
N ALA B 118 -16.02 -29.39 11.88
CA ALA B 118 -15.76 -29.29 10.44
C ALA B 118 -15.92 -27.92 9.86
N ILE B 119 -15.08 -27.60 8.86
CA ILE B 119 -15.09 -26.33 8.12
C ILE B 119 -15.83 -26.53 6.80
N ASN B 120 -16.82 -25.67 6.54
CA ASN B 120 -17.69 -25.66 5.38
C ASN B 120 -17.23 -24.74 4.28
N GLU B 121 -16.60 -23.62 4.65
CA GLU B 121 -16.09 -22.68 3.65
C GLU B 121 -14.81 -21.98 4.07
N LEU B 122 -14.00 -21.69 3.07
CA LEU B 122 -12.76 -20.94 3.14
C LEU B 122 -12.86 -19.87 2.09
N LYS B 123 -12.52 -18.62 2.46
CA LYS B 123 -12.50 -17.46 1.57
C LYS B 123 -11.32 -16.59 1.92
N PHE B 124 -10.70 -16.06 0.89
CA PHE B 124 -9.62 -15.13 1.05
C PHE B 124 -10.15 -13.74 0.84
N HIS B 125 -9.64 -12.77 1.63
CA HIS B 125 -10.04 -11.37 1.57
C HIS B 125 -9.68 -10.92 0.15
N PRO B 126 -10.58 -10.16 -0.54
CA PRO B 126 -10.30 -9.76 -1.92
C PRO B 126 -9.17 -8.74 -2.09
N ARG B 127 -8.67 -8.17 -0.96
CA ARG B 127 -7.66 -7.11 -1.04
C ARG B 127 -6.41 -7.45 -0.28
N ASP B 128 -6.50 -8.28 0.78
CA ASP B 128 -5.32 -8.73 1.53
C ASP B 128 -5.25 -10.23 1.37
N PRO B 129 -4.23 -10.71 0.64
CA PRO B 129 -4.10 -12.16 0.41
C PRO B 129 -3.75 -13.01 1.64
N ASN B 130 -3.43 -12.39 2.78
CA ASN B 130 -3.05 -13.17 3.98
C ASN B 130 -4.27 -13.37 4.90
N LEU B 131 -5.39 -12.73 4.57
CA LEU B 131 -6.57 -12.79 5.37
C LEU B 131 -7.53 -13.89 4.91
N LEU B 132 -7.55 -14.99 5.67
CA LEU B 132 -8.36 -16.15 5.44
C LEU B 132 -9.55 -16.26 6.40
N LEU B 133 -10.75 -16.41 5.84
CA LEU B 133 -11.92 -16.60 6.67
C LEU B 133 -12.33 -18.05 6.56
N SER B 134 -12.60 -18.67 7.68
CA SER B 134 -13.09 -20.04 7.72
C SER B 134 -14.44 -20.01 8.45
N VAL B 135 -15.37 -20.87 8.03
CA VAL B 135 -16.72 -20.99 8.59
C VAL B 135 -16.89 -22.44 9.07
N SER B 136 -17.43 -22.62 10.26
CA SER B 136 -17.48 -23.93 10.89
C SER B 136 -18.80 -24.37 11.48
N LYS B 137 -18.87 -25.66 11.74
CA LYS B 137 -19.96 -26.40 12.39
C LYS B 137 -19.95 -26.03 13.91
N ASP B 138 -18.78 -25.52 14.41
CA ASP B 138 -18.66 -25.05 15.82
C ASP B 138 -19.43 -23.70 16.06
N HIS B 139 -20.30 -23.27 15.10
CA HIS B 139 -21.17 -22.10 15.17
C HIS B 139 -20.42 -20.79 14.93
N ALA B 140 -19.12 -20.86 14.71
CA ALA B 140 -18.34 -19.62 14.53
C ALA B 140 -17.60 -19.49 13.19
N LEU B 141 -17.16 -18.27 12.91
CA LEU B 141 -16.31 -17.84 11.80
C LEU B 141 -15.01 -17.36 12.40
N ARG B 142 -13.92 -17.74 11.78
CA ARG B 142 -12.62 -17.35 12.26
C ARG B 142 -11.86 -16.68 11.14
N LEU B 143 -11.22 -15.55 11.47
CA LEU B 143 -10.39 -14.80 10.54
C LEU B 143 -8.93 -14.99 10.96
N TRP B 144 -8.12 -15.42 10.00
CA TRP B 144 -6.72 -15.71 10.23
C TRP B 144 -5.85 -14.82 9.38
N ASN B 145 -4.63 -14.56 9.86
CA ASN B 145 -3.54 -13.94 9.10
C ASN B 145 -2.56 -15.12 8.85
N ILE B 146 -2.37 -15.51 7.58
CA ILE B 146 -1.49 -16.62 7.20
C ILE B 146 -0.06 -16.14 6.93
N GLN B 147 0.23 -14.87 7.07
CA GLN B 147 1.61 -14.40 6.92
C GLN B 147 2.31 -14.55 8.31
N THR B 148 1.64 -14.06 9.37
CA THR B 148 2.12 -14.13 10.76
C THR B 148 1.58 -15.32 11.55
N ASP B 149 0.75 -16.21 10.96
CA ASP B 149 0.15 -17.41 11.62
C ASP B 149 -0.73 -17.10 12.84
N THR B 150 -1.43 -15.99 12.80
CA THR B 150 -2.29 -15.57 13.90
C THR B 150 -3.81 -15.68 13.62
N LEU B 151 -4.58 -15.92 14.67
CA LEU B 151 -6.02 -15.88 14.67
C LEU B 151 -6.39 -14.41 14.98
N VAL B 152 -6.82 -13.67 13.97
CA VAL B 152 -7.20 -12.26 14.15
C VAL B 152 -8.49 -12.17 15.00
N ALA B 153 -9.57 -12.81 14.53
CA ALA B 153 -10.85 -12.71 15.20
C ALA B 153 -11.68 -13.98 15.17
N ILE B 154 -12.53 -14.16 16.18
CA ILE B 154 -13.54 -15.22 16.26
C ILE B 154 -14.89 -14.50 16.28
N PHE B 155 -15.76 -14.75 15.27
CA PHE B 155 -17.09 -14.16 15.14
C PHE B 155 -18.11 -15.18 15.59
N GLY B 156 -18.76 -14.85 16.68
CA GLY B 156 -19.74 -15.71 17.34
C GLY B 156 -19.74 -15.44 18.82
N GLY B 157 -20.65 -16.08 19.50
CA GLY B 157 -20.84 -15.94 20.93
C GLY B 157 -22.25 -15.52 21.20
N VAL B 158 -22.41 -14.52 22.03
CA VAL B 158 -23.70 -14.03 22.51
C VAL B 158 -24.70 -13.74 21.36
N GLU B 159 -24.34 -12.99 20.31
CA GLU B 159 -25.33 -12.80 19.25
C GLU B 159 -24.90 -13.44 17.93
N GLY B 160 -23.95 -14.37 18.02
CA GLY B 160 -23.47 -15.11 16.86
C GLY B 160 -24.46 -16.17 16.42
N HIS B 161 -23.96 -17.12 15.59
CA HIS B 161 -24.78 -18.18 15.03
C HIS B 161 -25.18 -19.21 16.11
N ARG B 162 -26.42 -19.69 16.03
CA ARG B 162 -26.99 -20.61 17.01
C ARG B 162 -26.84 -22.09 16.64
N ASP B 163 -26.41 -22.33 15.38
CA ASP B 163 -26.13 -23.64 14.79
C ASP B 163 -24.98 -23.50 13.77
N GLU B 164 -24.54 -24.64 13.24
CA GLU B 164 -23.46 -24.80 12.25
C GLU B 164 -23.52 -23.73 11.14
N VAL B 165 -22.38 -23.04 10.89
CA VAL B 165 -22.27 -21.99 9.85
C VAL B 165 -21.95 -22.70 8.57
N LEU B 166 -22.75 -22.45 7.52
CA LEU B 166 -22.58 -23.17 6.27
C LEU B 166 -21.82 -22.40 5.17
N SER B 167 -21.97 -21.08 5.10
CA SER B 167 -21.29 -20.28 4.08
C SER B 167 -21.01 -18.88 4.57
N ALA B 168 -20.05 -18.19 3.92
CA ALA B 168 -19.76 -16.78 4.19
C ALA B 168 -19.11 -16.10 3.01
N ASP B 169 -19.24 -14.78 2.94
CA ASP B 169 -18.68 -14.06 1.81
C ASP B 169 -18.32 -12.63 2.17
N TYR B 170 -17.14 -12.19 1.70
CA TYR B 170 -16.65 -10.82 1.76
C TYR B 170 -17.33 -10.07 0.63
N ASP B 171 -17.62 -8.76 0.81
CA ASP B 171 -18.12 -7.92 -0.28
C ASP B 171 -16.95 -7.68 -1.26
N LEU B 172 -17.13 -6.90 -2.30
CA LEU B 172 -16.07 -6.67 -3.29
C LEU B 172 -14.83 -5.99 -2.73
N LEU B 173 -14.98 -5.03 -1.81
CA LEU B 173 -13.79 -4.36 -1.31
C LEU B 173 -13.22 -4.96 -0.02
N GLY B 174 -13.96 -5.88 0.59
CA GLY B 174 -13.51 -6.57 1.79
C GLY B 174 -13.78 -5.77 3.04
N GLU B 175 -14.82 -4.96 3.02
CA GLU B 175 -15.22 -4.10 4.12
C GLU B 175 -16.14 -4.83 5.09
N LYS B 176 -16.89 -5.83 4.58
CA LYS B 176 -17.86 -6.57 5.36
C LYS B 176 -17.96 -8.03 4.92
N ILE B 177 -18.54 -8.88 5.78
CA ILE B 177 -18.75 -10.30 5.58
C ILE B 177 -20.22 -10.61 5.86
N MET B 178 -20.87 -11.38 4.97
CA MET B 178 -22.21 -11.91 5.21
C MET B 178 -22.02 -13.41 5.46
N SER B 179 -22.64 -13.93 6.53
CA SER B 179 -22.54 -15.32 6.95
C SER B 179 -23.94 -15.97 7.09
N CYS B 180 -24.05 -17.28 6.99
CA CYS B 180 -25.33 -17.98 7.05
C CYS B 180 -25.16 -19.40 7.52
N GLY B 181 -26.21 -19.98 8.11
CA GLY B 181 -26.10 -21.36 8.61
C GLY B 181 -27.38 -22.14 8.81
N MET B 182 -27.29 -23.19 9.63
CA MET B 182 -28.42 -24.05 10.00
C MET B 182 -29.44 -23.33 10.90
N ASP B 183 -29.07 -22.19 11.47
CA ASP B 183 -29.94 -21.44 12.35
C ASP B 183 -30.91 -20.53 11.58
N HIS B 184 -30.93 -20.65 10.22
CA HIS B 184 -31.78 -19.92 9.25
C HIS B 184 -31.39 -18.46 9.12
N SER B 185 -30.38 -18.02 9.86
CA SER B 185 -30.04 -16.61 9.79
C SER B 185 -28.85 -16.28 8.91
N LEU B 186 -28.89 -15.03 8.46
CA LEU B 186 -27.90 -14.33 7.68
C LEU B 186 -27.46 -13.18 8.58
N LYS B 187 -26.15 -13.16 8.92
CA LYS B 187 -25.51 -12.19 9.80
C LYS B 187 -24.41 -11.38 9.10
N LEU B 188 -24.41 -10.06 9.39
CA LEU B 188 -23.42 -9.15 8.85
C LEU B 188 -22.35 -8.89 9.89
N TRP B 189 -21.07 -8.89 9.43
CA TRP B 189 -19.90 -8.61 10.25
C TRP B 189 -19.07 -7.58 9.50
N ARG B 190 -19.00 -6.32 10.04
CA ARG B 190 -18.20 -5.28 9.38
C ARG B 190 -16.76 -5.47 9.82
N ILE B 191 -15.84 -5.55 8.85
CA ILE B 191 -14.44 -5.74 9.20
C ILE B 191 -13.63 -4.46 8.93
N ASN B 192 -14.32 -3.38 8.49
CA ASN B 192 -13.76 -2.03 8.27
C ASN B 192 -14.05 -1.14 9.51
N SER B 193 -14.51 -1.76 10.60
CA SER B 193 -14.73 -1.09 11.87
C SER B 193 -13.35 -0.77 12.44
N LYS B 194 -13.22 0.30 13.21
CA LYS B 194 -11.94 0.70 13.78
C LYS B 194 -11.30 -0.46 14.59
N ARG B 195 -12.13 -1.17 15.38
CA ARG B 195 -11.77 -2.33 16.19
C ARG B 195 -11.17 -3.44 15.36
N MET B 196 -11.87 -3.86 14.29
CA MET B 196 -11.43 -4.94 13.42
C MET B 196 -10.20 -4.59 12.60
N MET B 197 -10.14 -3.37 12.09
CA MET B 197 -8.99 -2.87 11.31
C MET B 197 -7.74 -2.82 12.17
N ASN B 198 -7.90 -2.51 13.46
CA ASN B 198 -6.80 -2.44 14.39
C ASN B 198 -6.33 -3.86 14.75
N ALA B 199 -7.27 -4.80 14.87
CA ALA B 199 -7.02 -6.21 15.15
C ALA B 199 -6.22 -6.81 13.99
N ILE B 200 -6.52 -6.41 12.74
CA ILE B 200 -5.79 -6.83 11.54
C ILE B 200 -4.37 -6.25 11.59
N LYS B 201 -4.25 -4.95 11.92
CA LYS B 201 -2.92 -4.30 12.04
C LYS B 201 -2.03 -5.00 13.05
N GLU B 202 -2.58 -5.29 14.24
CA GLU B 202 -1.87 -5.93 15.35
C GLU B 202 -1.35 -7.32 15.04
N SER B 203 -2.14 -8.12 14.25
CA SER B 203 -1.77 -9.46 13.83
C SER B 203 -0.52 -9.38 12.95
N TYR B 204 -0.31 -8.27 12.23
CA TYR B 204 0.91 -8.10 11.41
C TYR B 204 2.12 -7.68 12.27
N ASP B 205 1.88 -6.94 13.36
CA ASP B 205 2.89 -6.43 14.29
C ASP B 205 3.39 -7.52 15.21
N TYR B 206 2.53 -8.49 15.55
CA TYR B 206 2.84 -9.62 16.42
C TYR B 206 3.99 -10.45 15.86
N ASN B 207 5.01 -10.70 16.71
CA ASN B 207 6.20 -11.50 16.41
C ASN B 207 6.70 -12.19 17.69
N ARG B 213 4.53 -14.58 25.16
CA ARG B 213 3.06 -14.45 25.17
C ARG B 213 2.46 -14.58 23.74
N PRO B 214 1.41 -15.42 23.54
CA PRO B 214 0.81 -15.54 22.19
C PRO B 214 -0.08 -14.35 21.81
N PHE B 215 -0.60 -14.37 20.55
CA PHE B 215 -1.48 -13.31 20.07
C PHE B 215 -2.89 -13.47 20.62
N ILE B 216 -3.53 -12.34 20.99
CA ILE B 216 -4.87 -12.35 21.54
C ILE B 216 -5.90 -11.92 20.46
N SER B 217 -6.68 -12.89 20.01
CA SER B 217 -7.72 -12.67 19.02
C SER B 217 -8.91 -11.94 19.61
N GLN B 218 -9.63 -11.19 18.75
CA GLN B 218 -10.80 -10.47 19.17
C GLN B 218 -11.94 -11.45 19.18
N LYS B 219 -12.80 -11.32 20.17
CA LYS B 219 -13.99 -12.15 20.19
C LYS B 219 -15.12 -11.20 19.85
N ILE B 220 -15.58 -11.30 18.58
CA ILE B 220 -16.70 -10.51 18.07
C ILE B 220 -18.01 -11.23 18.37
N HIS B 221 -18.60 -10.90 19.51
CA HIS B 221 -19.84 -11.53 19.96
C HIS B 221 -21.08 -11.02 19.24
N PHE B 222 -21.02 -9.80 18.67
CA PHE B 222 -22.21 -9.16 18.12
C PHE B 222 -22.12 -8.75 16.63
N PRO B 223 -23.10 -9.17 15.79
CA PRO B 223 -23.06 -8.79 14.37
C PRO B 223 -23.67 -7.41 14.12
N ASP B 224 -23.43 -6.85 12.94
CA ASP B 224 -23.89 -5.53 12.56
C ASP B 224 -25.24 -5.50 11.88
N PHE B 225 -25.88 -6.68 11.77
CA PHE B 225 -27.18 -6.96 11.18
C PHE B 225 -27.46 -8.42 11.26
N SER B 226 -28.71 -8.80 11.51
CA SER B 226 -29.14 -10.20 11.57
C SER B 226 -30.59 -10.34 11.09
N THR B 227 -30.89 -11.42 10.35
CA THR B 227 -32.21 -11.69 9.77
C THR B 227 -32.45 -13.16 9.65
N ARG B 228 -33.67 -13.59 9.98
CA ARG B 228 -34.15 -14.97 9.91
C ARG B 228 -35.42 -14.98 9.04
N ASP B 229 -35.70 -13.85 8.35
CA ASP B 229 -36.91 -13.65 7.55
C ASP B 229 -36.69 -13.64 6.04
N ILE B 230 -35.69 -14.38 5.54
CA ILE B 230 -35.51 -14.47 4.10
C ILE B 230 -35.93 -15.89 3.67
N HIS B 231 -35.50 -16.88 4.44
CA HIS B 231 -35.72 -18.28 4.17
C HIS B 231 -36.41 -18.91 5.37
N ARG B 232 -37.19 -19.95 5.12
CA ARG B 232 -37.93 -20.70 6.13
C ARG B 232 -37.15 -21.96 6.53
N ASN B 233 -35.83 -22.01 6.20
CA ASN B 233 -34.93 -23.14 6.48
C ASN B 233 -33.43 -22.74 6.49
N TYR B 234 -32.50 -23.75 6.53
CA TYR B 234 -31.05 -23.54 6.52
C TYR B 234 -30.61 -22.67 5.33
N VAL B 235 -29.62 -21.81 5.51
CA VAL B 235 -29.08 -21.04 4.40
C VAL B 235 -27.68 -21.64 4.19
N ASP B 236 -27.54 -22.39 3.09
CA ASP B 236 -26.30 -23.14 2.83
C ASP B 236 -25.28 -22.40 1.94
N CYS B 237 -25.69 -21.32 1.24
CA CYS B 237 -24.84 -20.53 0.37
C CYS B 237 -25.18 -19.07 0.40
N VAL B 238 -24.16 -18.21 0.47
CA VAL B 238 -24.29 -16.74 0.48
C VAL B 238 -23.15 -16.10 -0.27
N ARG B 239 -23.47 -15.10 -1.08
CA ARG B 239 -22.52 -14.27 -1.83
C ARG B 239 -23.05 -12.84 -1.92
N TRP B 240 -22.14 -11.89 -2.16
CA TRP B 240 -22.51 -10.48 -2.36
C TRP B 240 -22.68 -10.23 -3.86
N LEU B 241 -23.69 -9.45 -4.22
CA LEU B 241 -23.91 -8.93 -5.56
C LEU B 241 -23.94 -7.41 -5.38
N GLY B 242 -22.76 -6.78 -5.37
CA GLY B 242 -22.63 -5.36 -5.09
C GLY B 242 -23.03 -5.14 -3.65
N ASP B 243 -24.00 -4.27 -3.43
CA ASP B 243 -24.54 -3.98 -2.11
C ASP B 243 -25.74 -4.87 -1.79
N LEU B 244 -26.03 -5.83 -2.67
CA LEU B 244 -27.13 -6.80 -2.53
C LEU B 244 -26.59 -8.18 -2.11
N ILE B 245 -27.49 -9.06 -1.62
CA ILE B 245 -27.18 -10.42 -1.15
C ILE B 245 -27.91 -11.46 -1.94
N LEU B 246 -27.19 -12.51 -2.34
CA LEU B 246 -27.69 -13.67 -3.06
C LEU B 246 -27.52 -14.79 -2.05
N SER B 247 -28.61 -15.38 -1.61
CA SER B 247 -28.57 -16.53 -0.70
C SER B 247 -29.59 -17.58 -1.12
N LYS B 248 -29.35 -18.82 -0.70
CA LYS B 248 -30.28 -19.87 -1.04
C LYS B 248 -30.54 -20.83 0.11
N SER B 249 -31.73 -21.44 0.05
CA SER B 249 -32.20 -22.46 0.97
C SER B 249 -32.67 -23.69 0.14
N CYS B 250 -33.66 -24.43 0.61
CA CYS B 250 -34.19 -25.58 -0.11
C CYS B 250 -35.37 -25.21 -1.06
N GLU B 251 -35.96 -24.01 -0.90
CA GLU B 251 -37.11 -23.48 -1.65
C GLU B 251 -36.91 -23.33 -3.22
N ASN B 252 -35.85 -23.96 -3.80
CA ASN B 252 -35.51 -23.95 -5.22
C ASN B 252 -35.38 -22.55 -5.88
N ALA B 253 -34.82 -21.61 -5.14
CA ALA B 253 -34.55 -20.27 -5.69
C ALA B 253 -33.34 -19.66 -4.98
N ILE B 254 -32.61 -18.79 -5.70
CA ILE B 254 -31.56 -17.97 -5.11
C ILE B 254 -32.31 -16.65 -4.89
N VAL B 255 -32.34 -16.18 -3.65
CA VAL B 255 -33.06 -14.95 -3.30
C VAL B 255 -32.09 -13.80 -3.31
N CYS B 256 -32.42 -12.73 -4.04
CA CYS B 256 -31.65 -11.50 -4.11
C CYS B 256 -32.35 -10.51 -3.22
N TRP B 257 -31.72 -10.16 -2.09
CA TRP B 257 -32.27 -9.26 -1.09
C TRP B 257 -31.26 -8.21 -0.59
N LYS B 258 -31.71 -7.36 0.34
CA LYS B 258 -30.88 -6.32 0.94
C LYS B 258 -31.35 -6.01 2.37
N PRO B 259 -30.45 -5.75 3.34
CA PRO B 259 -30.91 -5.36 4.69
C PRO B 259 -31.61 -4.00 4.65
N GLY B 260 -32.63 -3.85 5.48
CA GLY B 260 -33.43 -2.62 5.56
C GLY B 260 -34.44 -2.46 4.45
N LYS B 261 -35.13 -1.32 4.43
CA LYS B 261 -36.13 -0.96 3.43
C LYS B 261 -35.46 -0.64 2.09
N MET B 262 -36.25 -0.66 0.99
CA MET B 262 -35.79 -0.38 -0.38
C MET B 262 -34.64 0.60 -0.50
N GLU B 263 -34.76 1.75 0.17
CA GLU B 263 -33.88 2.92 0.15
C GLU B 263 -32.69 2.89 1.14
N ASP B 264 -32.70 1.96 2.10
CA ASP B 264 -31.67 1.87 3.14
C ASP B 264 -30.27 1.51 2.61
N ASP B 265 -29.34 2.48 2.69
CA ASP B 265 -27.95 2.34 2.27
C ASP B 265 -27.24 1.38 3.22
N ILE B 266 -26.59 0.33 2.66
CA ILE B 266 -25.87 -0.74 3.39
C ILE B 266 -24.97 -0.21 4.52
N ASP B 267 -24.28 0.91 4.31
CA ASP B 267 -23.36 1.42 5.35
C ASP B 267 -24.04 2.35 6.38
N LYS B 268 -25.35 2.55 6.25
CA LYS B 268 -26.13 3.36 7.19
C LYS B 268 -27.02 2.51 8.09
N ILE B 269 -27.29 1.24 7.73
CA ILE B 269 -28.14 0.35 8.54
C ILE B 269 -27.50 0.08 9.93
N LYS B 270 -28.35 0.21 10.98
CA LYS B 270 -28.03 0.02 12.39
C LYS B 270 -28.06 -1.48 12.78
N PRO B 271 -27.19 -1.93 13.74
CA PRO B 271 -27.19 -3.35 14.15
C PRO B 271 -28.55 -3.95 14.54
N SER B 272 -29.54 -3.09 14.84
CA SER B 272 -30.88 -3.48 15.26
C SER B 272 -31.96 -3.41 14.15
N GLU B 273 -31.59 -2.99 12.91
CA GLU B 273 -32.48 -2.90 11.74
C GLU B 273 -33.31 -4.15 11.53
N SER B 274 -34.64 -3.98 11.69
CA SER B 274 -35.64 -5.05 11.60
C SER B 274 -36.11 -5.34 10.16
N ASN B 275 -35.93 -4.38 9.25
CA ASN B 275 -36.44 -4.56 7.92
C ASN B 275 -35.45 -5.22 6.96
N VAL B 276 -36.03 -5.83 5.91
CA VAL B 276 -35.34 -6.56 4.88
C VAL B 276 -36.15 -6.39 3.59
N THR B 277 -35.48 -6.17 2.45
CA THR B 277 -36.14 -5.96 1.17
C THR B 277 -35.71 -6.99 0.13
N ILE B 278 -36.66 -7.86 -0.26
CA ILE B 278 -36.48 -8.89 -1.30
C ILE B 278 -36.65 -8.19 -2.66
N LEU B 279 -35.60 -8.24 -3.51
CA LEU B 279 -35.56 -7.58 -4.81
C LEU B 279 -35.98 -8.47 -5.98
N GLY B 280 -35.79 -9.78 -5.84
CA GLY B 280 -36.12 -10.78 -6.84
C GLY B 280 -35.61 -12.16 -6.48
N ARG B 281 -35.92 -13.15 -7.31
CA ARG B 281 -35.47 -14.53 -7.11
C ARG B 281 -35.19 -15.29 -8.40
N PHE B 282 -34.11 -16.07 -8.42
CA PHE B 282 -33.68 -16.90 -9.53
C PHE B 282 -34.07 -18.30 -9.19
N ASP B 283 -35.22 -18.73 -9.72
CA ASP B 283 -35.82 -20.05 -9.56
C ASP B 283 -35.17 -21.05 -10.51
N TYR B 284 -35.05 -22.29 -10.06
CA TYR B 284 -34.50 -23.46 -10.74
C TYR B 284 -35.24 -24.64 -10.14
N SER B 285 -34.94 -25.88 -10.57
CA SER B 285 -35.60 -27.08 -10.06
C SER B 285 -34.62 -28.15 -9.63
N GLN B 286 -35.09 -29.08 -8.82
CA GLN B 286 -34.36 -30.23 -8.31
C GLN B 286 -33.04 -29.84 -7.62
N CYS B 287 -33.12 -28.89 -6.67
CA CYS B 287 -31.99 -28.43 -5.87
C CYS B 287 -32.49 -28.02 -4.46
N ASP B 288 -33.19 -28.95 -3.84
CA ASP B 288 -33.76 -28.83 -2.51
C ASP B 288 -32.93 -29.53 -1.43
N ILE B 289 -31.90 -30.34 -1.82
CA ILE B 289 -31.01 -31.01 -0.86
C ILE B 289 -29.86 -30.08 -0.41
N TRP B 290 -29.29 -30.36 0.77
CA TRP B 290 -28.24 -29.57 1.40
C TRP B 290 -26.82 -29.75 0.82
N TYR B 291 -26.03 -28.64 0.86
CA TYR B 291 -24.62 -28.52 0.48
C TYR B 291 -24.43 -28.39 -1.03
N MET B 292 -25.22 -27.49 -1.62
CA MET B 292 -25.24 -27.15 -3.04
C MET B 292 -24.90 -25.67 -3.11
N ARG B 293 -23.73 -25.33 -3.67
CA ARG B 293 -23.31 -23.94 -3.71
C ARG B 293 -23.45 -23.31 -5.08
N PHE B 294 -23.67 -21.99 -5.14
CA PHE B 294 -23.73 -21.28 -6.42
C PHE B 294 -22.47 -20.45 -6.58
N SER B 295 -22.19 -19.98 -7.80
CA SER B 295 -20.99 -19.18 -8.10
C SER B 295 -21.30 -18.11 -9.13
N MET B 296 -20.38 -17.14 -9.24
CA MET B 296 -20.37 -16.08 -10.24
C MET B 296 -18.98 -15.99 -10.89
N ASP B 297 -18.93 -15.42 -12.10
CA ASP B 297 -17.66 -15.18 -12.76
C ASP B 297 -17.07 -13.91 -12.08
N PHE B 298 -15.80 -13.56 -12.38
CA PHE B 298 -15.13 -12.42 -11.74
C PHE B 298 -15.93 -11.10 -11.87
N TRP B 299 -16.53 -10.84 -13.03
CA TRP B 299 -17.27 -9.60 -13.26
C TRP B 299 -18.71 -9.62 -12.78
N GLN B 300 -19.14 -10.69 -12.12
CA GLN B 300 -20.50 -10.86 -11.56
C GLN B 300 -21.59 -10.69 -12.64
N LYS B 301 -21.26 -11.00 -13.90
CA LYS B 301 -22.17 -10.89 -15.03
C LYS B 301 -22.95 -12.17 -15.23
N MET B 302 -22.43 -13.28 -14.67
CA MET B 302 -22.97 -14.63 -14.78
C MET B 302 -23.05 -15.32 -13.43
N LEU B 303 -24.16 -16.00 -13.18
CA LEU B 303 -24.42 -16.76 -11.96
C LEU B 303 -24.63 -18.17 -12.45
N ALA B 304 -24.19 -19.16 -11.69
CA ALA B 304 -24.36 -20.57 -12.05
C ALA B 304 -24.51 -21.45 -10.85
N LEU B 305 -25.42 -22.39 -10.92
CA LEU B 305 -25.72 -23.38 -9.90
C LEU B 305 -26.09 -24.73 -10.55
N GLY B 306 -25.47 -25.80 -10.07
CA GLY B 306 -25.77 -27.16 -10.47
C GLY B 306 -26.78 -27.79 -9.53
N ASN B 307 -27.64 -28.68 -10.04
CA ASN B 307 -28.67 -29.32 -9.21
C ASN B 307 -28.32 -30.79 -8.91
N GLN B 308 -29.18 -31.49 -8.16
CA GLN B 308 -28.90 -32.87 -7.73
C GLN B 308 -28.99 -33.91 -8.87
N VAL B 309 -29.36 -33.45 -10.05
CA VAL B 309 -29.56 -34.40 -11.12
C VAL B 309 -28.70 -34.10 -12.41
N GLY B 310 -27.60 -33.37 -12.23
CA GLY B 310 -26.69 -33.09 -13.34
C GLY B 310 -26.99 -31.87 -14.19
N LYS B 311 -28.12 -31.21 -13.97
CA LYS B 311 -28.42 -29.98 -14.72
C LYS B 311 -27.62 -28.78 -14.16
N LEU B 312 -27.11 -27.93 -15.06
CA LEU B 312 -26.32 -26.78 -14.69
C LEU B 312 -27.03 -25.54 -15.14
N TYR B 313 -27.55 -24.80 -14.18
CA TYR B 313 -28.30 -23.58 -14.43
C TYR B 313 -27.36 -22.42 -14.40
N VAL B 314 -27.50 -21.53 -15.38
CA VAL B 314 -26.73 -20.32 -15.51
C VAL B 314 -27.68 -19.16 -15.93
N TRP B 315 -27.51 -17.97 -15.29
CA TRP B 315 -28.30 -16.76 -15.50
C TRP B 315 -27.39 -15.57 -15.92
N ASP B 316 -27.96 -14.58 -16.66
CA ASP B 316 -27.24 -13.35 -17.04
C ASP B 316 -27.65 -12.33 -16.00
N LEU B 317 -26.72 -11.98 -15.10
CA LEU B 317 -27.01 -11.05 -14.01
C LEU B 317 -27.17 -9.62 -14.49
N GLU B 318 -26.65 -9.33 -15.70
CA GLU B 318 -26.80 -8.05 -16.35
C GLU B 318 -28.23 -7.86 -16.90
N VAL B 319 -29.08 -8.89 -16.78
CA VAL B 319 -30.47 -8.82 -17.19
C VAL B 319 -31.35 -8.58 -15.95
N GLU B 320 -31.91 -7.37 -15.88
CA GLU B 320 -32.78 -6.81 -14.85
C GLU B 320 -33.81 -7.82 -14.28
N ASP B 321 -34.75 -8.36 -15.10
CA ASP B 321 -35.75 -9.33 -14.61
C ASP B 321 -35.14 -10.71 -14.31
N PRO B 322 -35.21 -11.18 -13.03
CA PRO B 322 -34.64 -12.51 -12.69
C PRO B 322 -35.24 -13.73 -13.42
N HIS B 323 -36.24 -13.50 -14.30
CA HIS B 323 -36.89 -14.56 -15.08
C HIS B 323 -36.45 -14.58 -16.55
N LYS B 324 -36.24 -13.39 -17.15
CA LYS B 324 -35.78 -13.29 -18.54
C LYS B 324 -34.25 -13.34 -18.63
N ALA B 325 -33.60 -13.35 -17.45
CA ALA B 325 -32.16 -13.47 -17.26
C ALA B 325 -31.70 -14.92 -17.37
N LYS B 326 -32.64 -15.88 -17.17
CA LYS B 326 -32.39 -17.31 -17.19
C LYS B 326 -31.87 -17.75 -18.57
N CYS B 327 -30.72 -18.43 -18.57
CA CYS B 327 -30.04 -18.93 -19.78
C CYS B 327 -30.27 -20.42 -19.94
N THR B 328 -30.15 -20.91 -21.19
CA THR B 328 -30.33 -22.32 -21.57
C THR B 328 -29.54 -23.20 -20.61
N THR B 329 -30.24 -24.13 -19.95
CA THR B 329 -29.72 -25.07 -18.98
C THR B 329 -28.70 -25.96 -19.67
N LEU B 330 -27.57 -26.21 -18.98
CA LEU B 330 -26.49 -27.00 -19.51
C LEU B 330 -26.62 -28.40 -19.01
N THR B 331 -26.82 -29.34 -19.93
CA THR B 331 -26.99 -30.76 -19.62
C THR B 331 -26.24 -31.63 -20.62
N HIS B 332 -25.93 -32.83 -20.16
CA HIS B 332 -25.24 -33.87 -20.88
C HIS B 332 -25.82 -35.19 -20.36
N HIS B 333 -26.25 -36.05 -21.28
CA HIS B 333 -26.90 -37.33 -21.01
C HIS B 333 -26.09 -38.28 -20.14
N LYS B 334 -24.79 -38.00 -19.95
CA LYS B 334 -23.93 -38.84 -19.10
C LYS B 334 -23.65 -38.16 -17.74
N CYS B 335 -24.08 -36.91 -17.59
CA CYS B 335 -23.92 -36.12 -16.37
C CYS B 335 -25.27 -36.22 -15.59
N GLY B 336 -25.34 -37.15 -14.63
CA GLY B 336 -26.54 -37.44 -13.86
C GLY B 336 -26.45 -37.20 -12.37
N ALA B 337 -25.21 -37.22 -11.80
CA ALA B 337 -24.90 -37.00 -10.37
C ALA B 337 -25.14 -35.54 -9.93
N ALA B 338 -25.12 -35.29 -8.59
CA ALA B 338 -25.33 -33.95 -8.04
C ALA B 338 -24.11 -33.07 -8.30
N ILE B 339 -24.34 -31.89 -8.88
CA ILE B 339 -23.30 -30.90 -9.13
C ILE B 339 -23.16 -30.10 -7.85
N ARG B 340 -22.12 -30.45 -7.07
CA ARG B 340 -21.79 -29.87 -5.78
C ARG B 340 -21.37 -28.40 -5.89
N GLN B 341 -20.44 -28.08 -6.81
CA GLN B 341 -19.99 -26.73 -7.04
C GLN B 341 -19.52 -26.50 -8.48
N THR B 342 -19.53 -25.21 -8.88
CA THR B 342 -19.09 -24.74 -10.19
C THR B 342 -18.04 -23.65 -10.01
N SER B 343 -17.23 -23.44 -11.05
CA SER B 343 -16.21 -22.42 -11.06
C SER B 343 -16.01 -21.91 -12.50
N PHE B 344 -16.09 -20.60 -12.67
CA PHE B 344 -15.76 -19.97 -13.95
C PHE B 344 -14.25 -19.63 -13.96
N SER B 345 -13.60 -19.68 -15.15
CA SER B 345 -12.22 -19.19 -15.28
C SER B 345 -12.31 -17.66 -15.15
N ARG B 346 -11.20 -16.97 -14.82
CA ARG B 346 -11.26 -15.53 -14.61
C ARG B 346 -11.89 -14.76 -15.79
N ASP B 347 -11.64 -15.18 -17.05
CA ASP B 347 -12.22 -14.51 -18.22
C ASP B 347 -13.61 -15.01 -18.59
N SER B 348 -14.23 -15.86 -17.74
CA SER B 348 -15.56 -16.47 -17.91
C SER B 348 -15.73 -17.25 -19.24
N SER B 349 -14.62 -17.69 -19.87
CA SER B 349 -14.62 -18.49 -21.10
C SER B 349 -14.77 -19.98 -20.79
N ILE B 350 -14.42 -20.41 -19.58
CA ILE B 350 -14.52 -21.82 -19.17
C ILE B 350 -15.31 -21.92 -17.90
N LEU B 351 -16.17 -22.91 -17.84
CA LEU B 351 -16.97 -23.21 -16.67
C LEU B 351 -16.77 -24.70 -16.37
N ILE B 352 -16.42 -25.01 -15.12
CA ILE B 352 -16.23 -26.37 -14.65
C ILE B 352 -17.29 -26.67 -13.55
N ALA B 353 -17.73 -27.92 -13.50
CA ALA B 353 -18.68 -28.44 -12.55
C ALA B 353 -18.10 -29.77 -12.06
N VAL B 354 -18.27 -30.03 -10.75
CA VAL B 354 -17.76 -31.27 -10.13
C VAL B 354 -18.93 -31.97 -9.47
N CYS B 355 -18.91 -33.33 -9.48
CA CYS B 355 -20.06 -34.13 -9.08
C CYS B 355 -19.83 -35.11 -7.95
N ASP B 356 -20.94 -35.62 -7.41
CA ASP B 356 -21.00 -36.68 -6.41
C ASP B 356 -20.37 -37.98 -6.93
N ASP B 357 -20.41 -38.21 -8.26
CA ASP B 357 -19.81 -39.42 -8.86
C ASP B 357 -18.33 -39.24 -9.22
N ALA B 358 -17.67 -38.20 -8.69
CA ALA B 358 -16.25 -37.86 -8.91
C ALA B 358 -15.94 -37.41 -10.34
N SER B 359 -16.96 -37.05 -11.11
CA SER B 359 -16.71 -36.58 -12.47
C SER B 359 -16.55 -35.04 -12.51
N ILE B 360 -15.80 -34.55 -13.54
CA ILE B 360 -15.54 -33.13 -13.79
C ILE B 360 -16.05 -32.82 -15.20
N TRP B 361 -16.80 -31.71 -15.35
CA TRP B 361 -17.40 -31.30 -16.63
C TRP B 361 -16.91 -29.94 -17.06
N ARG B 362 -16.29 -29.90 -18.23
CA ARG B 362 -15.79 -28.66 -18.81
C ARG B 362 -16.74 -28.17 -19.92
N TRP B 363 -17.35 -27.02 -19.68
CA TRP B 363 -18.23 -26.29 -20.56
C TRP B 363 -17.48 -25.05 -21.02
N ASP B 364 -17.28 -24.91 -22.32
CA ASP B 364 -16.56 -23.79 -22.89
C ASP B 364 -17.56 -22.80 -23.51
N ARG B 365 -17.39 -21.49 -23.24
CA ARG B 365 -18.27 -20.48 -23.80
C ARG B 365 -18.15 -20.31 -25.32
N LEU B 366 -19.31 -20.13 -25.98
CA LEU B 366 -19.46 -19.93 -27.44
C LEU B 366 -19.50 -18.43 -27.76
N SER C 1 -5.46 31.65 -11.35
CA SER C 1 -4.04 31.96 -11.57
C SER C 1 -3.15 30.71 -11.42
N MET C 2 -1.86 30.87 -11.77
CA MET C 2 -0.82 29.86 -11.63
C MET C 2 -0.54 29.69 -10.12
N PHE C 3 -0.48 30.82 -9.39
CA PHE C 3 -0.22 30.86 -7.95
C PHE C 3 -1.27 30.06 -7.18
N SER C 4 -2.56 30.46 -7.27
CA SER C 4 -3.67 29.81 -6.57
C SER C 4 -3.76 28.31 -6.94
N SER C 5 -3.50 27.98 -8.23
CA SER C 5 -3.51 26.62 -8.75
C SER C 5 -2.38 25.79 -8.13
N ASN C 6 -1.19 26.38 -8.00
CA ASN C 6 -0.02 25.77 -7.39
C ASN C 6 -0.25 25.59 -5.89
N ARG C 7 -0.91 26.56 -5.27
CA ARG C 7 -1.25 26.57 -3.85
C ARG C 7 -2.17 25.41 -3.45
N GLN C 8 -3.21 25.07 -4.29
CA GLN C 8 -4.14 23.95 -4.06
C GLN C 8 -3.42 22.62 -4.20
N LYS C 9 -2.48 22.53 -5.16
CA LYS C 9 -1.66 21.35 -5.42
C LYS C 9 -0.86 21.04 -4.16
N ILE C 10 -0.22 22.07 -3.57
CA ILE C 10 0.53 21.95 -2.30
C ILE C 10 -0.43 21.50 -1.17
N LEU C 11 -1.59 22.18 -1.03
CA LEU C 11 -2.64 21.88 -0.03
C LEU C 11 -2.99 20.39 -0.07
N GLU C 12 -3.45 19.90 -1.24
CA GLU C 12 -3.86 18.52 -1.44
C GLU C 12 -2.75 17.51 -1.19
N ARG C 13 -1.55 17.76 -1.74
CA ARG C 13 -0.41 16.84 -1.62
C ARG C 13 0.17 16.78 -0.21
N THR C 14 0.26 17.94 0.50
CA THR C 14 0.68 17.96 1.91
C THR C 14 -0.38 17.28 2.78
N GLU C 15 -1.67 17.35 2.35
CA GLU C 15 -2.77 16.72 3.05
C GLU C 15 -2.68 15.18 2.93
N ILE C 16 -2.26 14.66 1.77
CA ILE C 16 -1.99 13.24 1.57
C ILE C 16 -0.83 12.82 2.50
N LEU C 17 0.26 13.59 2.57
CA LEU C 17 1.38 13.22 3.45
C LEU C 17 1.04 13.31 4.93
N ASN C 18 0.26 14.32 5.31
CA ASN C 18 -0.18 14.58 6.69
C ASN C 18 -1.06 13.44 7.23
N GLN C 19 -2.03 12.95 6.40
CA GLN C 19 -2.89 11.80 6.69
C GLN C 19 -2.07 10.53 6.95
N GLU C 20 -1.08 10.24 6.09
CA GLU C 20 -0.17 9.08 6.22
C GLU C 20 0.70 9.20 7.50
N TRP C 21 1.07 10.45 7.87
CA TRP C 21 1.80 10.73 9.09
C TRP C 21 0.90 10.46 10.31
N LYS C 22 -0.40 10.88 10.26
CA LYS C 22 -1.40 10.71 11.33
C LYS C 22 -1.70 9.26 11.60
N GLN C 23 -1.73 8.40 10.53
CA GLN C 23 -1.94 6.95 10.63
C GLN C 23 -0.74 6.22 11.25
N ARG C 24 0.39 6.92 11.41
CA ARG C 24 1.63 6.37 11.98
C ARG C 24 1.80 6.74 13.46
N ARG C 25 2.53 5.88 14.20
CA ARG C 25 2.84 6.04 15.62
C ARG C 25 4.33 5.76 15.86
N ILE C 26 5.19 6.69 15.41
CA ILE C 26 6.65 6.59 15.52
C ILE C 26 7.05 6.81 16.99
N GLN C 27 7.81 5.83 17.55
CA GLN C 27 8.23 5.80 18.96
C GLN C 27 9.13 7.01 19.33
N PRO C 28 8.91 7.63 20.54
CA PRO C 28 9.72 8.80 20.92
C PRO C 28 11.22 8.58 20.96
N VAL C 29 11.97 9.69 20.81
CA VAL C 29 13.43 9.74 20.83
C VAL C 29 13.92 10.74 21.92
N SER D 1 -32.53 3.30 -11.67
CA SER D 1 -32.98 2.06 -11.04
C SER D 1 -32.02 1.65 -9.90
N MET D 2 -32.51 0.79 -8.97
CA MET D 2 -31.72 0.18 -7.90
C MET D 2 -30.69 -0.73 -8.59
N PHE D 3 -31.16 -1.54 -9.57
CA PHE D 3 -30.39 -2.44 -10.41
C PHE D 3 -29.25 -1.71 -11.12
N SER D 4 -29.58 -0.66 -11.90
CA SER D 4 -28.61 0.13 -12.68
C SER D 4 -27.47 0.69 -11.82
N SER D 5 -27.83 1.15 -10.59
CA SER D 5 -26.90 1.70 -9.60
C SER D 5 -26.04 0.59 -8.99
N ASN D 6 -26.66 -0.55 -8.61
CA ASN D 6 -25.93 -1.69 -8.06
C ASN D 6 -24.95 -2.23 -9.10
N ARG D 7 -25.37 -2.27 -10.37
CA ARG D 7 -24.56 -2.66 -11.50
C ARG D 7 -23.37 -1.74 -11.63
N GLN D 8 -23.56 -0.43 -11.35
CA GLN D 8 -22.46 0.55 -11.40
C GLN D 8 -21.51 0.32 -10.25
N LYS D 9 -22.03 -0.07 -9.09
CA LYS D 9 -21.23 -0.40 -7.90
C LYS D 9 -20.33 -1.62 -8.17
N ILE D 10 -20.90 -2.70 -8.75
CA ILE D 10 -20.19 -3.92 -9.10
C ILE D 10 -19.07 -3.55 -10.08
N LEU D 11 -19.42 -2.82 -11.17
CA LEU D 11 -18.51 -2.39 -12.22
C LEU D 11 -17.27 -1.65 -11.71
N GLU D 12 -17.50 -0.60 -10.90
CA GLU D 12 -16.42 0.22 -10.32
C GLU D 12 -15.52 -0.62 -9.41
N ARG D 13 -16.14 -1.37 -8.48
CA ARG D 13 -15.49 -2.22 -7.50
C ARG D 13 -14.69 -3.37 -8.13
N THR D 14 -15.24 -4.08 -9.16
CA THR D 14 -14.52 -5.17 -9.87
C THR D 14 -13.33 -4.60 -10.66
N GLU D 15 -13.48 -3.36 -11.20
CA GLU D 15 -12.42 -2.65 -11.92
C GLU D 15 -11.28 -2.27 -10.96
N ILE D 16 -11.58 -1.94 -9.67
CA ILE D 16 -10.52 -1.67 -8.69
C ILE D 16 -9.68 -2.94 -8.57
N LEU D 17 -10.33 -4.10 -8.30
CA LEU D 17 -9.73 -5.43 -8.17
C LEU D 17 -9.03 -5.90 -9.43
N ASN D 18 -9.61 -5.61 -10.60
CA ASN D 18 -9.00 -6.00 -11.87
C ASN D 18 -7.70 -5.22 -12.07
N GLN D 19 -7.71 -3.92 -11.69
CA GLN D 19 -6.52 -3.08 -11.80
C GLN D 19 -5.39 -3.59 -10.94
N GLU D 20 -5.72 -4.06 -9.71
CA GLU D 20 -4.78 -4.61 -8.76
C GLU D 20 -4.14 -5.91 -9.28
N TRP D 21 -4.97 -6.79 -9.87
CA TRP D 21 -4.54 -8.04 -10.48
C TRP D 21 -3.59 -7.81 -11.70
N LYS D 22 -3.81 -6.72 -12.48
CA LYS D 22 -2.99 -6.38 -13.65
C LYS D 22 -1.61 -5.94 -13.23
N GLN D 23 -1.48 -5.31 -12.06
CA GLN D 23 -0.21 -4.85 -11.47
C GLN D 23 0.60 -6.03 -10.90
N ARG D 24 -0.04 -7.19 -10.75
CA ARG D 24 0.59 -8.38 -10.20
C ARG D 24 1.20 -9.30 -11.24
N ARG D 25 2.27 -9.98 -10.83
CA ARG D 25 2.95 -10.95 -11.67
C ARG D 25 3.20 -12.20 -10.83
N ILE D 26 2.08 -12.86 -10.47
CA ILE D 26 1.98 -14.07 -9.67
C ILE D 26 2.59 -15.21 -10.49
N GLN D 27 3.51 -15.97 -9.85
CA GLN D 27 4.25 -17.10 -10.42
C GLN D 27 3.29 -18.17 -10.94
N PRO D 28 3.57 -18.79 -12.11
CA PRO D 28 2.67 -19.83 -12.65
C PRO D 28 2.67 -21.10 -11.81
N VAL D 29 1.82 -22.09 -12.15
CA VAL D 29 1.71 -23.36 -11.42
C VAL D 29 2.33 -24.53 -12.24
C1 LQG E . 28.91 22.53 3.61
C2 LQG E . 30.10 23.17 4.09
C3 LQG E . 31.35 22.93 3.58
C11 LQG E . 24.76 23.30 0.24
N LQG E . 26.80 23.43 4.70
C LQG E . 27.74 22.99 4.19
C6 LQG E . 28.91 21.55 2.56
N3 LQG E . 30.26 21.33 2.04
C5 LQG E . 30.70 20.50 1.01
N2 LQG E . 32.03 20.67 0.84
N1 LQG E . 32.49 21.56 1.74
C4 LQG E . 31.43 21.99 2.51
N4 LQG E . 27.99 20.80 1.92
C7 LQG E . 26.56 20.81 2.18
C8 LQG E . 25.94 21.59 1.04
O LQG E . 25.31 22.76 1.41
C10 LQG E . 25.06 22.51 -0.83
C9 LQG E . 25.82 21.41 -0.31
C1 LQG F . -20.48 -30.61 1.58
C2 LQG F . -20.90 -31.97 1.56
C3 LQG F . -21.07 -32.75 2.66
C11 LQG F . -22.42 -25.72 1.29
N LQG F . -20.27 -29.56 -0.73
C LQG F . -20.36 -30.00 0.33
C6 LQG F . -20.20 -29.91 2.82
N3 LQG F . -20.42 -30.76 4.00
C5 LQG F . -20.32 -30.49 5.37
N2 LQG F . -20.66 -31.62 6.05
N1 LQG F . -20.97 -32.63 5.21
C4 LQG F . -20.84 -32.14 3.93
N4 LQG F . -19.78 -28.68 3.15
C7 LQG F . -19.50 -27.65 2.16
C8 LQG F . -20.66 -26.75 2.22
O LQG F . -21.40 -26.65 1.05
C10 LQG F . -22.29 -25.26 2.57
C9 LQG F . -21.16 -25.94 3.15
#